data_6GBH
#
_entry.id   6GBH
#
_cell.length_a   79.820
_cell.length_b   169.670
_cell.length_c   198.096
_cell.angle_alpha   90.00
_cell.angle_beta   90.00
_cell.angle_gamma   90.00
#
_symmetry.space_group_name_H-M   'C 2 2 21'
#
loop_
_entity.id
_entity.type
_entity.pdbx_description
1 polymer 'Carcinoembryonic antigen-related cell adhesion molecule 1'
2 polymer HopQ
3 non-polymer 'SULFATE ION'
4 water water
#
loop_
_entity_poly.entity_id
_entity_poly.type
_entity_poly.pdbx_seq_one_letter_code
_entity_poly.pdbx_strand_id
1 'polypeptide(L)'
;MQLTTESMPFNVAEGKEVLLLVHNLPQQLFGYSWYKGERVDGNRQIVGYAIGTQQATPGPANSGRETIYPNASLLIQNVT
QNDTGFYTLQVIKSDLVNEEATGQFHVYPHHHHHH
;
B,D
2 'polypeptide(L)'
;MAVQKVKNADKVQKLSDAYENLNKLLANHSHSNPEAINANSATAINQAIGNLNANTQNLIDKTDNSPAYQATLLALKSTV
GLWNSIAYAVICGGYTDKPNHNTTETFYNQPGQGSDSITCGGHVGLLQAGKNNSLSIEQFATLNKAYQIIQAALKQGLPA
LSDTKKTVEVTIKTATNANNINVNNNNNNAADTTVSITDTFINDAQNLLTQAQTIINTLQDNCPQLKGKSSSNGGTNGAN
TPSWQTGANQNSCSVFGTEFSAISDMISNAQNIVQETQQLNTTPLKSIAQPNNFNLNSPNSIALAQSMLKNAQSQAAVLK
LANQVGSDFNRISTGVLKNYIEECNANASSESVSSNTWGKGCAGVKQTLTSLENSNASFSSQTPQINQAQNLANTIVQEL
GHNPFKRVGIISSQTNNGAHHHHHH
;
C,A
#
loop_
_chem_comp.id
_chem_comp.type
_chem_comp.name
_chem_comp.formula
SO4 non-polymer 'SULFATE ION' 'O4 S -2'
#
# COMPACT_ATOMS: atom_id res chain seq x y z
N GLN A 2 44.34 -9.89 0.03
CA GLN A 2 44.62 -8.72 -0.84
C GLN A 2 44.41 -9.04 -2.32
N LEU A 3 43.80 -8.12 -3.07
CA LEU A 3 43.55 -8.31 -4.51
C LEU A 3 44.83 -8.68 -5.25
N THR A 4 44.72 -9.55 -6.25
CA THR A 4 45.90 -10.07 -6.93
C THR A 4 45.57 -10.58 -8.29
N THR A 5 46.54 -10.56 -9.19
CA THR A 5 46.31 -11.09 -10.50
C THR A 5 47.43 -12.05 -10.81
N GLU A 6 47.29 -12.78 -11.90
CA GLU A 6 48.21 -13.88 -12.21
C GLU A 6 47.99 -14.34 -13.63
N SER A 7 48.96 -14.06 -14.48
CA SER A 7 48.93 -14.51 -15.84
C SER A 7 49.04 -16.03 -15.83
N MET A 8 48.42 -16.68 -16.81
CA MET A 8 48.70 -18.08 -17.11
C MET A 8 48.40 -18.43 -18.56
N PRO A 9 49.41 -18.85 -19.32
CA PRO A 9 50.83 -18.92 -18.92
C PRO A 9 51.38 -17.55 -18.65
N PHE A 10 52.37 -17.48 -17.76
CA PHE A 10 53.15 -16.25 -17.52
C PHE A 10 53.90 -15.81 -18.80
N ASN A 11 54.32 -16.77 -19.63
CA ASN A 11 54.91 -16.48 -20.95
C ASN A 11 54.05 -17.06 -22.06
N VAL A 12 53.84 -16.30 -23.14
CA VAL A 12 52.78 -16.63 -24.09
C VAL A 12 53.15 -16.71 -25.56
N ALA A 13 53.25 -17.94 -26.09
CA ALA A 13 53.40 -18.17 -27.54
C ALA A 13 52.52 -17.30 -28.44
N GLU A 14 53.06 -16.89 -29.58
CA GLU A 14 52.36 -16.01 -30.55
C GLU A 14 51.31 -16.76 -31.39
N GLY A 15 50.13 -16.16 -31.56
CA GLY A 15 49.02 -16.81 -32.27
C GLY A 15 48.19 -17.73 -31.37
N LYS A 16 48.63 -17.86 -30.12
CA LYS A 16 48.01 -18.74 -29.13
C LYS A 16 47.34 -17.79 -28.14
N GLU A 17 47.35 -18.08 -26.85
CA GLU A 17 46.39 -17.44 -25.96
C GLU A 17 46.77 -17.50 -24.50
N VAL A 18 46.22 -16.57 -23.72
CA VAL A 18 46.60 -16.43 -22.32
C VAL A 18 45.37 -16.02 -21.55
N LEU A 19 45.39 -16.36 -20.25
CA LEU A 19 44.32 -16.08 -19.30
C LEU A 19 44.90 -15.36 -18.12
N LEU A 20 44.31 -14.23 -17.74
CA LEU A 20 44.74 -13.56 -16.50
C LEU A 20 43.71 -13.85 -15.40
N LEU A 21 44.11 -14.70 -14.45
CA LEU A 21 43.31 -14.99 -13.27
C LEU A 21 43.37 -13.91 -12.25
N VAL A 22 42.30 -13.82 -11.47
CA VAL A 22 42.23 -12.90 -10.37
C VAL A 22 42.11 -13.65 -9.07
N HIS A 23 42.66 -13.09 -8.00
CA HIS A 23 42.60 -13.69 -6.68
C HIS A 23 42.15 -12.64 -5.68
N ASN A 24 41.48 -13.06 -4.61
CA ASN A 24 40.83 -12.15 -3.63
C ASN A 24 39.87 -11.10 -4.20
N LEU A 25 39.07 -11.51 -5.19
CA LEU A 25 38.00 -10.63 -5.68
C LEU A 25 36.99 -10.43 -4.55
N PRO A 26 36.74 -9.17 -4.15
CA PRO A 26 35.77 -9.01 -3.08
C PRO A 26 34.40 -9.64 -3.32
N GLN A 27 33.78 -10.01 -2.22
CA GLN A 27 32.46 -10.58 -2.20
C GLN A 27 31.51 -9.66 -2.96
N GLN A 28 31.36 -8.45 -2.43
CA GLN A 28 30.29 -7.56 -2.85
C GLN A 28 30.81 -6.46 -3.78
N LEU A 29 30.49 -6.58 -5.07
CA LEU A 29 31.00 -5.70 -6.13
C LEU A 29 29.96 -4.78 -6.72
N PHE A 30 30.42 -3.59 -7.13
CA PHE A 30 29.64 -2.71 -8.03
C PHE A 30 30.01 -2.96 -9.47
N GLY A 31 31.23 -3.37 -9.72
CA GLY A 31 31.72 -3.49 -11.11
C GLY A 31 33.24 -3.52 -11.12
N TYR A 32 33.80 -3.76 -12.30
CA TYR A 32 35.23 -3.85 -12.43
C TYR A 32 35.70 -3.68 -13.89
N SER A 33 37.00 -3.43 -14.09
CA SER A 33 37.49 -2.95 -15.38
C SER A 33 38.92 -3.39 -15.64
N TRP A 34 39.26 -3.64 -16.90
CA TRP A 34 40.63 -4.03 -17.28
C TRP A 34 41.34 -2.99 -18.21
N TYR A 35 42.66 -2.85 -18.01
CA TYR A 35 43.40 -1.75 -18.62
C TYR A 35 44.75 -2.17 -19.07
N LYS A 36 45.10 -1.86 -20.33
CA LYS A 36 46.48 -1.98 -20.78
C LYS A 36 47.29 -0.95 -20.07
N GLY A 37 48.33 -1.37 -19.35
CA GLY A 37 49.11 -0.44 -18.57
C GLY A 37 49.38 -0.94 -17.19
N GLU A 38 49.99 -0.08 -16.37
CA GLU A 38 50.30 -0.35 -14.95
C GLU A 38 49.40 0.54 -14.15
N ARG A 39 48.41 1.10 -14.81
CA ARG A 39 47.60 2.05 -14.14
C ARG A 39 46.28 2.27 -14.84
N VAL A 40 45.36 2.77 -14.03
CA VAL A 40 43.99 2.96 -14.40
C VAL A 40 43.97 4.22 -15.25
N ASP A 41 43.53 4.05 -16.49
CA ASP A 41 43.48 5.14 -17.41
C ASP A 41 42.35 5.01 -18.44
N GLY A 42 41.32 5.85 -18.27
CA GLY A 42 40.24 5.99 -19.22
C GLY A 42 40.59 5.48 -20.59
N ASN A 43 41.59 6.07 -21.23
CA ASN A 43 41.80 5.84 -22.65
C ASN A 43 42.52 4.55 -22.93
N ARG A 44 42.94 3.85 -21.88
CA ARG A 44 43.57 2.54 -22.03
C ARG A 44 42.64 1.33 -21.56
N GLN A 45 41.37 1.60 -21.26
CA GLN A 45 40.44 0.56 -20.86
C GLN A 45 40.13 -0.41 -22.00
N ILE A 46 40.35 -1.68 -21.68
CA ILE A 46 40.01 -2.81 -22.55
C ILE A 46 38.47 -3.10 -22.48
N VAL A 47 37.96 -3.19 -21.25
CA VAL A 47 36.55 -3.47 -21.00
C VAL A 47 36.12 -3.14 -19.58
N GLY A 48 34.85 -2.78 -19.47
CA GLY A 48 34.22 -2.59 -18.17
C GLY A 48 33.01 -3.51 -18.05
N TYR A 49 32.87 -4.16 -16.90
CA TYR A 49 31.72 -5.00 -16.56
C TYR A 49 30.98 -4.38 -15.37
N ALA A 50 29.71 -4.07 -15.58
CA ALA A 50 28.89 -3.57 -14.49
C ALA A 50 27.94 -4.68 -14.01
N ILE A 51 27.84 -4.86 -12.70
CA ILE A 51 27.01 -5.92 -12.10
C ILE A 51 25.51 -5.65 -12.35
N GLY A 52 25.07 -4.45 -12.00
CA GLY A 52 23.70 -4.02 -12.25
C GLY A 52 23.06 -4.38 -13.57
N THR A 53 23.86 -4.57 -14.61
CA THR A 53 23.34 -4.85 -15.93
C THR A 53 23.93 -6.13 -16.49
N GLN A 54 24.79 -6.77 -15.71
CA GLN A 54 25.53 -7.91 -16.17
C GLN A 54 26.14 -7.71 -17.57
N GLN A 55 26.46 -6.46 -17.93
CA GLN A 55 26.94 -6.20 -19.29
C GLN A 55 28.45 -5.84 -19.40
N ALA A 56 29.04 -6.18 -20.54
CA ALA A 56 30.43 -5.82 -20.79
C ALA A 56 30.53 -4.88 -21.98
N THR A 57 30.86 -3.62 -21.69
CA THR A 57 31.08 -2.63 -22.71
C THR A 57 32.59 -2.45 -22.88
N PRO A 58 33.09 -2.69 -24.09
CA PRO A 58 34.52 -2.51 -24.35
C PRO A 58 34.93 -1.04 -24.34
N GLY A 59 36.10 -0.76 -23.79
CA GLY A 59 36.69 0.56 -23.87
C GLY A 59 37.50 0.78 -25.15
N PRO A 60 38.27 1.87 -25.18
CA PRO A 60 39.02 2.22 -26.37
C PRO A 60 40.11 1.21 -26.68
N ALA A 61 40.79 0.71 -25.64
CA ALA A 61 41.95 -0.19 -25.80
C ALA A 61 41.61 -1.52 -26.45
N ASN A 62 40.34 -1.92 -26.34
CA ASN A 62 39.83 -3.21 -26.83
C ASN A 62 40.28 -3.66 -28.19
N SER A 63 40.89 -4.85 -28.24
CA SER A 63 41.26 -5.45 -29.52
C SER A 63 40.19 -6.36 -30.12
N GLY A 64 39.09 -6.57 -29.40
CA GLY A 64 37.99 -7.44 -29.84
C GLY A 64 38.35 -8.92 -29.88
N ARG A 65 39.36 -9.28 -29.07
CA ARG A 65 39.84 -10.65 -28.89
C ARG A 65 40.00 -10.94 -27.41
N GLU A 66 39.48 -10.08 -26.54
CA GLU A 66 39.55 -10.34 -25.12
C GLU A 66 38.18 -10.85 -24.76
N THR A 67 38.10 -11.62 -23.69
CA THR A 67 36.82 -11.99 -23.11
C THR A 67 36.95 -11.88 -21.62
N ILE A 68 36.06 -11.11 -21.03
CA ILE A 68 35.99 -11.04 -19.59
C ILE A 68 34.95 -12.08 -19.07
N TYR A 69 35.17 -12.54 -17.84
CA TYR A 69 34.29 -13.51 -17.18
C TYR A 69 33.83 -12.93 -15.86
N PRO A 70 32.85 -13.59 -15.23
CA PRO A 70 32.14 -12.89 -14.15
C PRO A 70 32.84 -12.90 -12.79
N ASN A 71 33.93 -13.65 -12.68
CA ASN A 71 34.81 -13.63 -11.50
C ASN A 71 35.99 -12.72 -11.72
N ALA A 72 35.85 -11.76 -12.64
CA ALA A 72 36.89 -10.75 -12.92
C ALA A 72 38.05 -11.25 -13.78
N SER A 73 38.08 -12.51 -14.16
CA SER A 73 39.19 -13.00 -14.95
C SER A 73 39.04 -12.56 -16.40
N LEU A 74 40.12 -12.68 -17.17
CA LEU A 74 40.15 -12.07 -18.51
C LEU A 74 40.97 -12.89 -19.40
N LEU A 75 40.52 -13.02 -20.63
CA LEU A 75 41.15 -13.93 -21.56
C LEU A 75 41.47 -13.24 -22.88
N ILE A 76 42.66 -13.45 -23.40
CA ILE A 76 43.01 -12.84 -24.65
C ILE A 76 43.37 -13.95 -25.54
N GLN A 77 42.76 -13.97 -26.70
CA GLN A 77 42.95 -15.05 -27.64
C GLN A 77 43.75 -14.55 -28.82
N ASN A 78 44.41 -15.47 -29.52
CA ASN A 78 45.13 -15.10 -30.72
C ASN A 78 46.07 -13.89 -30.43
N VAL A 79 46.86 -14.03 -29.38
CA VAL A 79 47.73 -12.94 -28.93
C VAL A 79 48.66 -12.52 -30.05
N THR A 80 48.87 -11.20 -30.12
CA THR A 80 49.88 -10.58 -30.99
C THR A 80 51.02 -10.02 -30.15
N GLN A 81 52.07 -9.60 -30.86
CA GLN A 81 53.21 -8.97 -30.22
C GLN A 81 52.78 -7.77 -29.38
N ASN A 82 51.88 -6.95 -29.94
CA ASN A 82 51.33 -5.79 -29.19
C ASN A 82 50.72 -6.17 -27.85
N ASP A 83 50.07 -7.32 -27.78
CA ASP A 83 49.39 -7.64 -26.54
C ASP A 83 50.37 -7.73 -25.37
N THR A 84 51.65 -7.97 -25.64
CA THR A 84 52.60 -8.11 -24.53
C THR A 84 52.63 -6.86 -23.67
N GLY A 85 52.83 -7.05 -22.38
CA GLY A 85 52.98 -5.89 -21.52
C GLY A 85 52.34 -6.06 -20.18
N PHE A 86 52.10 -4.93 -19.53
CA PHE A 86 51.37 -4.95 -18.28
C PHE A 86 49.90 -4.76 -18.57
N TYR A 87 49.11 -5.12 -17.56
CA TYR A 87 47.66 -5.15 -17.56
C TYR A 87 47.23 -4.86 -16.11
N THR A 88 46.16 -4.09 -15.94
CA THR A 88 45.77 -3.65 -14.59
C THR A 88 44.27 -3.78 -14.42
N LEU A 89 43.90 -4.32 -13.27
CA LEU A 89 42.51 -4.55 -12.92
C LEU A 89 42.08 -3.52 -11.91
N GLN A 90 40.99 -2.86 -12.23
CA GLN A 90 40.38 -1.93 -11.32
C GLN A 90 39.03 -2.53 -10.93
N VAL A 91 38.76 -2.53 -9.63
CA VAL A 91 37.58 -3.13 -9.09
C VAL A 91 36.92 -2.14 -8.15
N ILE A 92 35.61 -2.00 -8.30
CA ILE A 92 34.83 -1.17 -7.40
C ILE A 92 33.90 -2.02 -6.53
N LYS A 93 34.04 -1.86 -5.22
CA LYS A 93 33.23 -2.56 -4.26
C LYS A 93 31.86 -1.94 -4.14
N SER A 94 30.95 -2.65 -3.51
CA SER A 94 29.54 -2.25 -3.45
C SER A 94 29.35 -0.94 -2.68
N ASP A 95 30.10 -0.75 -1.59
CA ASP A 95 30.21 0.56 -0.91
C ASP A 95 31.11 1.58 -1.68
N LEU A 96 31.53 1.21 -2.88
CA LEU A 96 32.31 2.07 -3.78
C LEU A 96 33.80 2.26 -3.40
N VAL A 97 34.28 1.57 -2.35
CA VAL A 97 35.71 1.51 -2.08
C VAL A 97 36.32 0.80 -3.28
N ASN A 98 37.51 1.26 -3.70
CA ASN A 98 38.16 0.75 -4.93
C ASN A 98 39.41 -0.04 -4.65
N GLU A 99 39.83 -0.77 -5.67
CA GLU A 99 40.95 -1.66 -5.56
C GLU A 99 41.52 -1.93 -6.94
N GLU A 100 42.82 -2.10 -6.98
CA GLU A 100 43.52 -2.27 -8.24
C GLU A 100 44.48 -3.40 -8.01
N ALA A 101 44.83 -4.07 -9.07
CA ALA A 101 45.96 -4.95 -9.03
C ALA A 101 46.51 -5.04 -10.43
N THR A 102 47.80 -5.31 -10.50
CA THR A 102 48.51 -5.19 -11.74
C THR A 102 49.07 -6.57 -12.06
N GLY A 103 49.27 -6.81 -13.36
CA GLY A 103 49.90 -8.03 -13.78
C GLY A 103 50.40 -7.91 -15.18
N GLN A 104 50.97 -8.99 -15.68
CA GLN A 104 51.82 -8.90 -16.84
C GLN A 104 52.04 -10.23 -17.50
N PHE A 105 52.08 -10.21 -18.82
CA PHE A 105 52.54 -11.36 -19.54
C PHE A 105 53.43 -10.97 -20.71
N HIS A 106 54.17 -11.97 -21.17
CA HIS A 106 55.19 -11.82 -22.16
C HIS A 106 54.82 -12.66 -23.35
N VAL A 107 54.78 -12.09 -24.54
CA VAL A 107 54.60 -12.92 -25.73
C VAL A 107 55.96 -13.09 -26.41
N TYR A 108 56.13 -14.21 -27.13
CA TYR A 108 57.36 -14.52 -27.86
C TYR A 108 56.97 -15.14 -29.19
N PRO A 109 57.81 -15.00 -30.22
CA PRO A 109 57.32 -15.34 -31.55
C PRO A 109 57.30 -16.84 -31.89
N GLN B 2 15.49 -30.29 2.89
CA GLN B 2 14.70 -31.00 3.94
C GLN B 2 15.12 -30.70 5.38
N LEU B 3 14.12 -30.36 6.19
CA LEU B 3 14.33 -29.90 7.56
C LEU B 3 15.13 -30.94 8.32
N THR B 4 16.08 -30.50 9.14
CA THR B 4 16.79 -31.41 10.05
C THR B 4 17.06 -30.71 11.36
N THR B 5 17.48 -31.49 12.35
CA THR B 5 17.83 -30.95 13.64
C THR B 5 18.97 -31.77 14.22
N GLU B 6 19.67 -31.20 15.19
CA GLU B 6 20.91 -31.81 15.68
C GLU B 6 21.14 -31.43 17.13
N SER B 7 20.97 -32.39 18.02
CA SER B 7 21.29 -32.15 19.40
C SER B 7 22.78 -31.89 19.48
N MET B 8 23.16 -31.04 20.42
CA MET B 8 24.53 -30.69 20.59
C MET B 8 24.75 -30.13 21.98
N PRO B 9 25.36 -30.93 22.87
CA PRO B 9 25.90 -32.25 22.57
C PRO B 9 24.82 -33.31 22.39
N PHE B 10 25.18 -34.41 21.73
CA PHE B 10 24.33 -35.59 21.68
C PHE B 10 24.22 -36.17 23.09
N ASN B 11 25.36 -36.50 23.72
CA ASN B 11 25.41 -36.99 25.10
C ASN B 11 25.61 -35.86 26.10
N VAL B 12 24.72 -35.77 27.09
CA VAL B 12 24.69 -34.60 27.98
C VAL B 12 24.72 -34.95 29.47
N ALA B 13 25.57 -34.28 30.24
CA ALA B 13 25.63 -34.49 31.69
C ALA B 13 24.38 -33.93 32.34
N GLU B 14 23.88 -34.63 33.36
CA GLU B 14 22.70 -34.19 34.10
C GLU B 14 23.03 -32.94 34.91
N GLY B 15 22.29 -31.86 34.68
CA GLY B 15 22.55 -30.60 35.34
C GLY B 15 23.19 -29.53 34.46
N LYS B 16 23.68 -29.94 33.28
CA LYS B 16 24.23 -29.01 32.31
C LYS B 16 23.22 -28.87 31.16
N GLU B 17 23.63 -28.41 29.97
CA GLU B 17 22.66 -27.86 28.99
C GLU B 17 22.81 -28.40 27.57
N VAL B 18 21.77 -28.27 26.77
CA VAL B 18 21.75 -28.83 25.39
C VAL B 18 21.06 -27.88 24.43
N LEU B 19 21.35 -28.03 23.14
CA LEU B 19 20.79 -27.16 22.15
C LEU B 19 20.38 -27.92 20.93
N LEU B 20 19.12 -27.77 20.56
CA LEU B 20 18.61 -28.39 19.37
C LEU B 20 18.68 -27.35 18.25
N LEU B 21 19.72 -27.46 17.42
CA LEU B 21 19.89 -26.62 16.24
C LEU B 21 18.94 -27.05 15.15
N VAL B 22 18.45 -26.10 14.36
CA VAL B 22 17.67 -26.47 13.20
C VAL B 22 18.34 -26.04 11.91
N HIS B 23 18.69 -27.04 11.10
CA HIS B 23 19.15 -26.78 9.77
C HIS B 23 17.99 -26.89 8.82
N ASN B 24 18.22 -26.39 7.61
CA ASN B 24 17.24 -26.34 6.55
C ASN B 24 15.91 -25.72 6.94
N LEU B 25 15.87 -24.97 8.05
CA LEU B 25 14.62 -24.29 8.43
C LEU B 25 14.27 -23.42 7.23
N PRO B 26 12.98 -23.25 6.95
CA PRO B 26 12.77 -22.59 5.71
C PRO B 26 12.23 -21.20 5.94
N GLN B 27 11.72 -20.68 4.84
CA GLN B 27 11.94 -19.32 4.42
C GLN B 27 10.95 -18.39 5.11
N GLN B 28 9.68 -18.55 4.71
CA GLN B 28 8.56 -17.74 5.19
C GLN B 28 7.65 -18.64 6.02
N LEU B 29 7.29 -18.15 7.19
CA LEU B 29 6.75 -18.95 8.24
C LEU B 29 5.54 -18.34 8.93
N PHE B 30 4.62 -19.24 9.29
CA PHE B 30 3.49 -18.91 10.14
C PHE B 30 3.76 -19.19 11.61
N GLY B 31 4.44 -20.27 11.89
CA GLY B 31 4.76 -20.60 13.27
C GLY B 31 5.43 -21.92 13.35
N TYR B 32 5.83 -22.29 14.55
CA TYR B 32 6.39 -23.61 14.73
C TYR B 32 6.23 -24.06 16.15
N SER B 33 6.53 -25.34 16.40
CA SER B 33 6.30 -25.93 17.73
C SER B 33 7.19 -27.11 17.96
N TRP B 34 7.67 -27.24 19.20
CA TRP B 34 8.47 -28.41 19.61
C TRP B 34 7.64 -29.43 20.46
N TYR B 35 7.91 -30.72 20.23
CA TYR B 35 7.18 -31.78 20.87
C TYR B 35 8.13 -32.79 21.47
N LYS B 36 7.87 -33.13 22.73
CA LYS B 36 8.56 -34.24 23.39
C LYS B 36 8.07 -35.59 22.80
N GLY B 37 9.03 -36.46 22.52
CA GLY B 37 8.70 -37.72 21.92
C GLY B 37 8.92 -37.61 20.44
N GLU B 38 8.38 -38.59 19.72
CA GLU B 38 8.78 -38.83 18.34
C GLU B 38 7.76 -38.38 17.32
N ARG B 39 6.57 -37.96 17.75
CA ARG B 39 5.56 -37.54 16.81
C ARG B 39 4.83 -36.27 17.28
N VAL B 40 4.05 -35.69 16.38
CA VAL B 40 3.34 -34.45 16.68
C VAL B 40 2.06 -34.67 17.47
N ASP B 41 2.06 -34.22 18.72
CA ASP B 41 0.97 -34.43 19.67
C ASP B 41 0.73 -33.17 20.51
N GLY B 42 -0.44 -32.59 20.38
CA GLY B 42 -0.82 -31.47 21.23
C GLY B 42 -0.35 -31.63 22.65
N ASN B 43 -0.71 -32.75 23.28
CA ASN B 43 -0.50 -33.01 24.72
C ASN B 43 0.95 -33.18 25.17
N ARG B 44 1.84 -33.39 24.21
CA ARG B 44 3.27 -33.45 24.53
C ARG B 44 4.05 -32.22 24.00
N GLN B 45 3.36 -31.14 23.62
CA GLN B 45 4.01 -29.91 23.08
C GLN B 45 4.69 -29.16 24.17
N ILE B 46 5.99 -28.94 23.98
CA ILE B 46 6.79 -28.12 24.89
C ILE B 46 6.46 -26.63 24.74
N VAL B 47 6.46 -26.15 23.49
CA VAL B 47 6.24 -24.71 23.19
C VAL B 47 5.84 -24.49 21.74
N GLY B 48 5.04 -23.46 21.53
CA GLY B 48 4.64 -23.05 20.18
C GLY B 48 4.93 -21.57 20.02
N TYR B 49 5.32 -21.18 18.82
CA TYR B 49 5.69 -19.81 18.56
C TYR B 49 4.99 -19.39 17.30
N ALA B 50 4.25 -18.28 17.38
CA ALA B 50 3.59 -17.70 16.20
C ALA B 50 4.30 -16.45 15.63
N ILE B 51 4.77 -16.52 14.39
CA ILE B 51 5.29 -15.30 13.68
C ILE B 51 4.36 -14.09 13.84
N GLY B 52 3.10 -14.27 13.51
CA GLY B 52 2.14 -13.18 13.58
C GLY B 52 2.09 -12.41 14.88
N THR B 53 2.59 -12.96 15.97
CA THR B 53 2.59 -12.22 17.25
C THR B 53 4.02 -12.19 17.82
N GLN B 54 4.86 -13.07 17.32
CA GLN B 54 6.08 -13.42 17.93
C GLN B 54 6.11 -13.74 19.48
N GLN B 55 5.07 -14.43 19.89
CA GLN B 55 4.89 -14.79 21.19
C GLN B 55 5.23 -16.31 21.42
N ALA B 56 5.96 -16.64 22.46
CA ALA B 56 6.15 -18.04 22.81
C ALA B 56 5.02 -18.47 23.77
N THR B 57 4.21 -19.43 23.32
CA THR B 57 3.21 -20.03 24.18
C THR B 57 3.60 -21.44 24.64
N PRO B 58 3.89 -21.58 25.93
CA PRO B 58 4.29 -22.89 26.43
C PRO B 58 3.09 -23.86 26.39
N GLY B 59 3.39 -25.11 26.05
CA GLY B 59 2.37 -26.15 25.98
C GLY B 59 2.41 -27.03 27.24
N PRO B 60 1.55 -28.08 27.28
CA PRO B 60 1.43 -29.04 28.40
C PRO B 60 2.75 -29.65 28.86
N ALA B 61 3.55 -30.12 27.90
CA ALA B 61 4.86 -30.70 28.19
C ALA B 61 5.94 -29.72 28.67
N ASN B 62 5.63 -28.43 28.81
CA ASN B 62 6.63 -27.42 29.13
C ASN B 62 7.13 -27.57 30.55
N SER B 63 8.45 -27.46 30.73
CA SER B 63 9.09 -27.54 32.05
C SER B 63 9.64 -26.22 32.56
N GLY B 64 9.57 -25.18 31.75
CA GLY B 64 10.08 -23.85 32.14
C GLY B 64 11.59 -23.71 32.17
N ARG B 65 12.29 -24.71 31.65
CA ARG B 65 13.74 -24.68 31.52
C ARG B 65 14.15 -24.58 30.06
N GLU B 66 13.16 -24.46 29.17
CA GLU B 66 13.40 -24.43 27.74
C GLU B 66 13.38 -23.00 27.24
N THR B 67 14.08 -22.75 26.13
CA THR B 67 14.00 -21.49 25.46
C THR B 67 14.05 -21.70 23.97
N ILE B 68 13.09 -21.12 23.27
CA ILE B 68 12.95 -21.28 21.85
C ILE B 68 13.55 -20.04 21.27
N TYR B 69 13.87 -20.07 19.98
CA TYR B 69 14.54 -18.96 19.33
C TYR B 69 13.85 -18.54 18.04
N PRO B 70 14.27 -17.40 17.44
CA PRO B 70 13.65 -17.05 16.16
C PRO B 70 14.02 -17.97 14.98
N ASN B 71 15.16 -18.67 15.09
CA ASN B 71 15.56 -19.73 14.13
C ASN B 71 15.03 -21.16 14.45
N ALA B 72 14.00 -21.23 15.29
CA ALA B 72 13.35 -22.50 15.69
C ALA B 72 14.22 -23.37 16.58
N SER B 73 15.40 -22.91 16.91
CA SER B 73 16.30 -23.69 17.75
C SER B 73 15.75 -23.70 19.16
N LEU B 74 16.15 -24.70 19.94
CA LEU B 74 15.56 -24.91 21.28
C LEU B 74 16.62 -25.25 22.29
N LEU B 75 16.62 -24.53 23.39
CA LEU B 75 17.68 -24.65 24.38
C LEU B 75 17.04 -25.16 25.61
N ILE B 76 17.65 -26.18 26.20
CA ILE B 76 17.20 -26.77 27.46
C ILE B 76 18.34 -26.70 28.46
N GLN B 77 18.05 -26.22 29.65
CA GLN B 77 19.06 -25.97 30.67
C GLN B 77 18.75 -26.73 31.94
N ASN B 78 19.77 -27.00 32.75
CA ASN B 78 19.61 -27.87 33.93
CA ASN B 78 19.61 -27.86 33.93
C ASN B 78 18.85 -29.14 33.58
N VAL B 79 19.42 -29.92 32.68
CA VAL B 79 18.74 -31.13 32.20
C VAL B 79 18.58 -32.21 33.29
N THR B 80 17.51 -32.99 33.17
CA THR B 80 17.27 -34.14 34.05
C THR B 80 17.08 -35.37 33.18
N GLN B 81 17.09 -36.55 33.78
CA GLN B 81 16.97 -37.75 32.98
C GLN B 81 15.63 -37.79 32.29
N ASN B 82 14.62 -37.24 32.96
CA ASN B 82 13.31 -37.06 32.33
C ASN B 82 13.37 -36.38 30.96
N ASP B 83 14.28 -35.43 30.79
CA ASP B 83 14.44 -34.73 29.49
C ASP B 83 15.02 -35.60 28.35
N THR B 84 15.65 -36.72 28.66
CA THR B 84 16.27 -37.57 27.62
C THR B 84 15.35 -38.01 26.47
N GLY B 85 15.98 -38.52 25.42
CA GLY B 85 15.26 -39.22 24.39
C GLY B 85 14.81 -38.32 23.28
N PHE B 86 13.64 -38.58 22.72
CA PHE B 86 13.30 -37.94 21.45
C PHE B 86 12.61 -36.63 21.63
N TYR B 87 12.76 -35.80 20.59
CA TYR B 87 11.98 -34.57 20.39
C TYR B 87 11.57 -34.44 18.95
N THR B 88 10.55 -33.62 18.70
CA THR B 88 10.08 -33.41 17.33
C THR B 88 9.79 -31.92 17.11
N LEU B 89 10.17 -31.39 15.95
CA LEU B 89 9.89 -29.99 15.65
C LEU B 89 8.86 -30.01 14.54
N GLN B 90 7.74 -29.35 14.77
CA GLN B 90 6.79 -29.13 13.70
C GLN B 90 6.90 -27.66 13.25
N VAL B 91 6.66 -27.41 11.98
CA VAL B 91 6.89 -26.13 11.37
C VAL B 91 5.75 -25.83 10.41
N ILE B 92 5.09 -24.70 10.61
CA ILE B 92 3.98 -24.34 9.72
C ILE B 92 4.34 -23.22 8.80
N LYS B 93 4.36 -23.51 7.51
CA LYS B 93 4.80 -22.52 6.53
C LYS B 93 3.73 -21.48 6.30
N SER B 94 4.14 -20.40 5.64
CA SER B 94 3.25 -19.29 5.38
C SER B 94 2.09 -19.76 4.53
N ASP B 95 2.33 -20.67 3.59
CA ASP B 95 1.24 -21.19 2.78
C ASP B 95 0.49 -22.34 3.44
N LEU B 96 0.86 -22.67 4.69
CA LEU B 96 0.19 -23.68 5.51
C LEU B 96 0.52 -25.11 5.08
N VAL B 97 1.75 -25.31 4.65
CA VAL B 97 2.26 -26.62 4.39
C VAL B 97 3.15 -26.96 5.55
N ASN B 98 3.15 -28.23 5.93
CA ASN B 98 3.86 -28.64 7.12
C ASN B 98 5.21 -29.31 6.86
N GLU B 99 6.09 -29.20 7.84
CA GLU B 99 7.36 -29.89 7.83
C GLU B 99 7.53 -30.43 9.24
N GLU B 100 8.19 -31.58 9.36
CA GLU B 100 8.44 -32.19 10.65
C GLU B 100 9.88 -32.61 10.67
N ALA B 101 10.52 -32.52 11.81
CA ALA B 101 11.86 -33.10 11.96
C ALA B 101 12.06 -33.55 13.38
N THR B 102 12.93 -34.55 13.57
CA THR B 102 13.02 -35.19 14.87
C THR B 102 14.43 -35.24 15.47
N GLY B 103 14.52 -34.79 16.71
CA GLY B 103 15.78 -34.74 17.41
C GLY B 103 15.91 -35.90 18.38
N GLN B 104 17.00 -35.88 19.12
CA GLN B 104 17.26 -36.89 20.10
C GLN B 104 18.50 -36.48 20.89
N PHE B 105 18.47 -36.71 22.20
CA PHE B 105 19.70 -36.70 22.98
C PHE B 105 19.65 -37.56 24.26
N HIS B 106 20.83 -37.99 24.70
CA HIS B 106 21.00 -38.89 25.83
C HIS B 106 21.67 -38.14 26.94
N VAL B 107 21.43 -38.54 28.19
CA VAL B 107 21.83 -37.73 29.33
C VAL B 107 22.39 -38.51 30.51
N TYR B 108 23.69 -38.70 30.57
CA TYR B 108 24.30 -39.42 31.69
C TYR B 108 24.36 -38.52 32.92
N PRO B 109 24.76 -39.05 34.09
CA PRO B 109 24.83 -38.22 35.31
C PRO B 109 26.17 -37.50 35.51
N SER C 41 -50.44 34.39 10.40
CA SER C 41 -51.22 33.23 9.86
C SER C 41 -50.48 32.36 8.82
N ALA C 42 -49.34 31.84 9.25
CA ALA C 42 -48.65 30.71 8.63
C ALA C 42 -49.63 29.62 8.13
N THR C 43 -50.10 29.83 6.93
CA THR C 43 -50.59 28.77 6.07
C THR C 43 -49.39 27.85 5.90
N ALA C 44 -48.24 28.48 5.68
CA ALA C 44 -47.03 27.84 5.17
C ALA C 44 -46.48 26.71 6.04
N ILE C 45 -46.96 26.63 7.26
CA ILE C 45 -46.63 25.47 8.06
C ILE C 45 -47.17 24.20 7.39
N ASN C 46 -48.39 24.25 6.88
CA ASN C 46 -48.97 23.07 6.23
C ASN C 46 -48.11 22.58 5.06
N GLN C 47 -47.76 23.45 4.13
CA GLN C 47 -46.94 23.04 2.94
C GLN C 47 -45.68 22.27 3.37
N ALA C 48 -45.05 22.77 4.44
CA ALA C 48 -43.79 22.23 4.98
C ALA C 48 -43.99 20.86 5.62
N ILE C 49 -44.94 20.81 6.57
CA ILE C 49 -45.44 19.54 7.10
C ILE C 49 -45.69 18.55 5.96
N GLY C 50 -46.33 19.04 4.91
CA GLY C 50 -46.54 18.27 3.68
C GLY C 50 -45.23 17.74 3.17
N ASN C 51 -44.36 18.64 2.71
CA ASN C 51 -43.05 18.26 2.18
C ASN C 51 -42.22 17.36 3.11
N LEU C 52 -42.31 17.59 4.43
CA LEU C 52 -41.63 16.72 5.40
C LEU C 52 -42.22 15.30 5.41
N ASN C 53 -43.53 15.17 5.48
CA ASN C 53 -44.09 13.84 5.52
C ASN C 53 -43.96 13.16 4.19
N ALA C 54 -44.01 13.90 3.10
CA ALA C 54 -43.77 13.27 1.79
C ALA C 54 -42.34 12.73 1.70
N ASN C 55 -41.41 13.38 2.37
CA ASN C 55 -40.04 12.93 2.33
C ASN C 55 -39.82 11.67 3.11
N THR C 56 -40.46 11.58 4.27
CA THR C 56 -40.38 10.38 5.08
C THR C 56 -40.95 9.19 4.30
N GLN C 57 -42.14 9.34 3.75
CA GLN C 57 -42.69 8.29 2.93
C GLN C 57 -41.74 7.85 1.85
N ASN C 58 -41.10 8.80 1.17
CA ASN C 58 -40.23 8.43 0.05
C ASN C 58 -38.96 7.79 0.54
N LEU C 59 -38.43 8.30 1.64
CA LEU C 59 -37.33 7.63 2.33
C LEU C 59 -37.65 6.16 2.72
N ILE C 60 -38.71 5.96 3.52
CA ILE C 60 -39.01 4.60 4.05
C ILE C 60 -39.68 3.62 3.11
N ASP C 61 -40.59 4.10 2.27
CA ASP C 61 -41.39 3.19 1.45
C ASP C 61 -40.83 2.83 0.09
N LYS C 62 -39.64 3.30 -0.28
CA LYS C 62 -39.17 3.02 -1.63
C LYS C 62 -37.90 2.26 -1.62
N THR C 63 -37.57 1.77 -2.81
CA THR C 63 -36.37 1.00 -3.03
C THR C 63 -35.53 1.64 -4.13
N ASP C 64 -36.10 1.88 -5.31
CA ASP C 64 -35.31 2.36 -6.44
C ASP C 64 -34.71 3.73 -6.18
N ASN C 65 -35.48 4.59 -5.52
CA ASN C 65 -35.10 5.96 -5.35
C ASN C 65 -34.94 6.43 -3.90
N SER C 66 -34.42 5.57 -3.01
CA SER C 66 -34.23 5.97 -1.60
C SER C 66 -32.75 5.94 -1.16
N PRO C 67 -32.21 7.10 -0.72
CA PRO C 67 -30.91 7.12 -0.04
C PRO C 67 -30.81 6.20 1.15
N ALA C 68 -31.85 6.16 1.98
CA ALA C 68 -31.92 5.25 3.15
C ALA C 68 -31.78 3.82 2.73
N TYR C 69 -32.57 3.41 1.74
CA TYR C 69 -32.52 2.01 1.29
C TYR C 69 -31.28 1.67 0.55
N GLN C 70 -30.80 2.59 -0.31
CA GLN C 70 -29.66 2.27 -1.18
C GLN C 70 -28.40 2.28 -0.39
N ALA C 71 -28.33 3.13 0.62
CA ALA C 71 -27.16 3.18 1.53
C ALA C 71 -27.06 1.95 2.40
N THR C 72 -28.21 1.55 2.94
CA THR C 72 -28.32 0.26 3.64
C THR C 72 -27.88 -0.91 2.77
N LEU C 73 -28.42 -0.97 1.57
CA LEU C 73 -28.12 -2.10 0.74
C LEU C 73 -26.64 -2.10 0.40
N LEU C 74 -26.04 -0.91 0.25
CA LEU C 74 -24.63 -0.83 -0.12
C LEU C 74 -23.72 -1.25 1.03
N ALA C 75 -24.13 -1.03 2.27
CA ALA C 75 -23.31 -1.47 3.41
C ALA C 75 -23.29 -2.99 3.54
N LEU C 76 -24.37 -3.59 3.06
CA LEU C 76 -24.53 -5.02 3.13
C LEU C 76 -23.82 -5.70 2.01
N LYS C 77 -23.99 -5.20 0.80
CA LYS C 77 -23.16 -5.70 -0.30
C LYS C 77 -21.65 -5.55 -0.06
N SER C 78 -21.23 -4.55 0.68
CA SER C 78 -19.80 -4.30 0.77
C SER C 78 -19.11 -5.30 1.65
N THR C 79 -19.71 -5.56 2.80
CA THR C 79 -19.32 -6.62 3.76
C THR C 79 -19.25 -7.98 3.11
N VAL C 80 -20.33 -8.37 2.47
CA VAL C 80 -20.31 -9.57 1.66
C VAL C 80 -19.09 -9.48 0.74
N GLY C 81 -19.08 -8.47 -0.12
CA GLY C 81 -17.95 -8.32 -1.05
C GLY C 81 -16.56 -8.27 -0.41
N LEU C 82 -16.45 -7.69 0.76
CA LEU C 82 -15.19 -7.70 1.43
C LEU C 82 -14.86 -9.13 1.76
N TRP C 83 -15.76 -9.80 2.51
CA TRP C 83 -15.55 -11.18 2.88
C TRP C 83 -15.20 -11.99 1.65
N ASN C 84 -15.96 -11.89 0.58
CA ASN C 84 -15.62 -12.71 -0.56
C ASN C 84 -14.18 -12.58 -1.00
N SER C 85 -13.71 -11.33 -1.10
CA SER C 85 -12.34 -10.98 -1.50
C SER C 85 -11.23 -11.54 -0.63
N ILE C 86 -11.47 -11.56 0.68
CA ILE C 86 -10.48 -11.85 1.73
C ILE C 86 -10.48 -13.29 2.17
N ALA C 87 -11.67 -13.87 2.17
CA ALA C 87 -12.02 -15.07 2.94
C ALA C 87 -11.08 -16.25 2.79
N TYR C 88 -10.76 -16.57 1.56
CA TYR C 88 -9.96 -17.75 1.28
C TYR C 88 -8.60 -17.73 1.95
N ALA C 89 -8.25 -16.58 2.53
CA ALA C 89 -6.90 -16.33 2.99
C ALA C 89 -6.79 -16.07 4.45
N VAL C 90 -7.93 -15.94 5.12
CA VAL C 90 -7.99 -15.75 6.56
C VAL C 90 -7.71 -17.07 7.24
N ILE C 91 -6.77 -17.05 8.18
CA ILE C 91 -6.29 -18.25 8.82
C ILE C 91 -7.06 -18.54 10.09
N CYS C 92 -7.57 -19.76 10.15
CA CYS C 92 -8.49 -20.05 11.23
C CYS C 92 -8.31 -21.42 11.80
N GLY C 93 -8.46 -21.51 13.11
CA GLY C 93 -8.32 -22.78 13.80
C GLY C 93 -7.34 -22.81 14.94
N GLY C 94 -6.97 -21.67 15.48
CA GLY C 94 -6.02 -21.70 16.57
C GLY C 94 -6.73 -22.40 17.69
N TYR C 95 -5.99 -22.95 18.61
CA TYR C 95 -6.57 -23.52 19.79
C TYR C 95 -6.94 -22.44 20.80
N THR C 96 -8.06 -22.66 21.49
CA THR C 96 -8.48 -21.84 22.63
C THR C 96 -8.27 -22.59 23.91
N ASP C 97 -8.01 -23.87 23.73
CA ASP C 97 -8.26 -24.91 24.70
C ASP C 97 -6.87 -25.37 25.09
N LYS C 98 -6.38 -26.38 24.41
CA LYS C 98 -5.02 -26.79 24.52
C LYS C 98 -4.73 -27.24 23.10
N PRO C 99 -3.44 -27.39 22.76
CA PRO C 99 -3.11 -27.51 21.35
C PRO C 99 -3.39 -28.86 20.78
N ASN C 100 -4.09 -28.94 19.65
CA ASN C 100 -3.98 -30.14 18.84
C ASN C 100 -4.19 -29.96 17.33
N HIS C 101 -3.70 -30.94 16.56
CA HIS C 101 -3.63 -30.86 15.10
C HIS C 101 -4.71 -31.66 14.36
N ASN C 102 -5.58 -32.31 15.11
CA ASN C 102 -6.60 -33.17 14.53
C ASN C 102 -7.97 -32.63 14.18
N THR C 103 -8.51 -31.69 14.96
CA THR C 103 -9.83 -31.17 14.67
C THR C 103 -9.90 -30.55 13.29
N THR C 104 -11.07 -30.13 12.83
CA THR C 104 -11.18 -29.59 11.49
C THR C 104 -12.61 -29.32 11.05
N GLU C 105 -13.21 -28.20 11.47
CA GLU C 105 -14.57 -27.93 11.04
C GLU C 105 -14.52 -27.41 9.63
N THR C 106 -15.57 -27.66 8.86
CA THR C 106 -15.66 -27.22 7.50
C THR C 106 -16.92 -26.44 7.42
N PHE C 107 -16.89 -25.37 6.64
CA PHE C 107 -18.03 -24.46 6.57
C PHE C 107 -18.38 -24.31 5.12
N TYR C 108 -19.58 -24.74 4.76
CA TYR C 108 -19.97 -24.81 3.36
C TYR C 108 -20.61 -23.51 2.87
N ASN C 109 -20.77 -23.39 1.55
CA ASN C 109 -21.12 -22.14 0.94
C ASN C 109 -20.17 -21.02 1.42
N GLN C 110 -18.87 -21.32 1.40
CA GLN C 110 -17.83 -20.31 1.64
C GLN C 110 -16.83 -20.31 0.48
N PRO C 111 -16.47 -19.12 -0.01
CA PRO C 111 -15.55 -18.95 -1.16
C PRO C 111 -14.10 -19.18 -0.78
N GLY C 112 -13.73 -20.44 -0.67
CA GLY C 112 -12.38 -20.79 -0.29
C GLY C 112 -11.61 -20.82 -1.57
N GLN C 113 -10.35 -21.16 -1.46
CA GLN C 113 -9.51 -21.14 -2.63
C GLN C 113 -9.74 -22.36 -3.47
N GLY C 114 -10.50 -22.20 -4.54
CA GLY C 114 -10.70 -23.25 -5.50
C GLY C 114 -11.90 -24.08 -5.13
N SER C 115 -12.55 -23.77 -4.00
CA SER C 115 -13.72 -24.49 -3.56
C SER C 115 -14.87 -23.60 -3.05
N ASP C 116 -16.02 -24.25 -2.83
CA ASP C 116 -17.22 -23.62 -2.26
C ASP C 116 -17.33 -23.87 -0.77
N SER C 117 -16.28 -24.37 -0.16
CA SER C 117 -16.20 -24.47 1.29
C SER C 117 -14.91 -23.87 1.80
N ILE C 118 -14.84 -23.63 3.10
CA ILE C 118 -13.63 -23.26 3.75
C ILE C 118 -13.53 -24.17 4.96
N THR C 119 -12.46 -24.94 5.00
CA THR C 119 -12.17 -25.75 6.14
C THR C 119 -11.03 -25.15 7.00
N CYS C 120 -11.35 -24.83 8.24
CA CYS C 120 -10.44 -24.38 9.29
C CYS C 120 -9.85 -25.56 10.10
N GLY C 121 -9.01 -25.23 11.09
CA GLY C 121 -8.43 -26.18 12.02
C GLY C 121 -7.16 -26.81 11.47
N GLY C 122 -6.95 -28.08 11.81
CA GLY C 122 -5.82 -28.82 11.27
C GLY C 122 -4.57 -28.53 12.05
N HIS C 123 -3.41 -28.58 11.37
CA HIS C 123 -2.13 -28.23 12.01
C HIS C 123 -2.08 -26.81 12.56
N VAL C 124 -2.93 -25.92 12.05
CA VAL C 124 -3.00 -24.57 12.56
C VAL C 124 -3.38 -24.59 14.04
N GLY C 125 -4.16 -25.59 14.43
CA GLY C 125 -4.60 -25.72 15.83
C GLY C 125 -3.56 -26.06 16.87
N LEU C 126 -2.33 -26.27 16.42
CA LEU C 126 -1.22 -26.44 17.33
C LEU C 126 -0.78 -25.13 17.96
N LEU C 127 -1.17 -23.98 17.41
CA LEU C 127 -0.74 -22.69 17.98
C LEU C 127 -1.93 -21.89 18.50
N GLN C 128 -1.69 -21.13 19.55
CA GLN C 128 -2.78 -20.44 20.19
C GLN C 128 -3.53 -19.49 19.28
N ALA C 129 -4.85 -19.62 19.21
CA ALA C 129 -5.69 -18.62 18.55
C ALA C 129 -5.59 -17.31 19.31
N GLY C 130 -5.87 -16.19 18.67
CA GLY C 130 -5.72 -14.94 19.39
C GLY C 130 -5.52 -13.80 18.47
N LYS C 131 -5.58 -12.60 19.02
CA LYS C 131 -5.38 -11.38 18.21
C LYS C 131 -4.04 -11.43 17.54
N ASN C 132 -4.07 -11.14 16.24
CA ASN C 132 -2.91 -11.10 15.41
C ASN C 132 -2.46 -12.41 14.90
N ASN C 133 -3.10 -13.48 15.37
CA ASN C 133 -2.69 -14.81 14.99
C ASN C 133 -3.66 -15.57 14.15
N SER C 134 -4.53 -16.39 14.74
CA SER C 134 -5.56 -17.08 13.94
C SER C 134 -6.85 -16.85 14.58
N LEU C 135 -7.88 -16.87 13.75
CA LEU C 135 -9.26 -16.96 14.30
C LEU C 135 -9.48 -18.31 14.98
N SER C 136 -10.31 -18.37 16.03
CA SER C 136 -10.74 -19.67 16.58
C SER C 136 -11.76 -20.21 15.63
N ILE C 137 -12.10 -21.46 15.84
CA ILE C 137 -13.12 -22.15 15.04
C ILE C 137 -14.49 -21.61 15.42
N GLU C 138 -14.68 -21.37 16.71
CA GLU C 138 -15.84 -20.67 17.18
C GLU C 138 -16.12 -19.40 16.42
N GLN C 139 -15.09 -18.55 16.32
CA GLN C 139 -15.19 -17.22 15.71
C GLN C 139 -15.51 -17.36 14.27
N PHE C 140 -14.87 -18.29 13.59
CA PHE C 140 -15.27 -18.51 12.23
C PHE C 140 -16.74 -18.84 12.13
N ALA C 141 -17.23 -19.67 13.04
CA ALA C 141 -18.61 -20.18 12.93
C ALA C 141 -19.65 -19.11 13.17
N THR C 142 -19.29 -18.11 13.97
CA THR C 142 -20.17 -17.01 14.25
C THR C 142 -20.30 -16.13 13.02
N LEU C 143 -19.16 -16.00 12.34
CA LEU C 143 -19.04 -15.25 11.12
C LEU C 143 -19.67 -16.00 9.99
N ASN C 144 -19.47 -17.29 9.91
CA ASN C 144 -20.19 -18.01 8.87
C ASN C 144 -21.69 -17.75 8.99
N LYS C 145 -22.20 -17.88 10.20
CA LYS C 145 -23.65 -17.79 10.43
C LYS C 145 -24.15 -16.49 9.85
N ALA C 146 -23.39 -15.40 10.13
CA ALA C 146 -23.84 -14.03 9.74
C ALA C 146 -23.82 -13.82 8.23
N TYR C 147 -22.79 -14.37 7.64
CA TYR C 147 -22.59 -14.30 6.22
C TYR C 147 -23.71 -15.01 5.54
N GLN C 148 -24.04 -16.18 6.05
CA GLN C 148 -25.02 -17.02 5.41
C GLN C 148 -26.37 -16.40 5.40
N ILE C 149 -26.68 -15.63 6.45
CA ILE C 149 -27.93 -14.91 6.51
C ILE C 149 -27.99 -13.79 5.47
N ILE C 150 -26.88 -13.07 5.35
CA ILE C 150 -26.88 -11.88 4.49
C ILE C 150 -27.02 -12.29 3.05
N GLN C 151 -26.30 -13.33 2.66
CA GLN C 151 -26.46 -13.84 1.31
C GLN C 151 -27.89 -14.30 1.03
N ALA C 152 -28.45 -15.13 1.90
CA ALA C 152 -29.80 -15.61 1.63
C ALA C 152 -30.75 -14.41 1.62
N ALA C 153 -30.57 -13.50 2.54
CA ALA C 153 -31.44 -12.36 2.54
C ALA C 153 -31.31 -11.56 1.24
N LEU C 154 -30.09 -11.29 0.76
CA LEU C 154 -29.92 -10.47 -0.48
C LEU C 154 -30.47 -11.22 -1.67
N LYS C 155 -30.24 -12.54 -1.74
CA LYS C 155 -30.76 -13.33 -2.86
C LYS C 155 -32.26 -13.08 -2.92
N GLN C 156 -32.93 -13.15 -1.77
CA GLN C 156 -34.38 -12.90 -1.73
C GLN C 156 -34.73 -11.48 -2.06
N GLY C 157 -33.89 -10.55 -1.63
CA GLY C 157 -34.12 -9.13 -1.82
C GLY C 157 -34.37 -8.51 -0.47
N LEU C 158 -33.63 -7.49 -0.13
CA LEU C 158 -33.89 -6.74 1.08
C LEU C 158 -35.20 -6.05 0.82
N PRO C 159 -36.08 -6.03 1.80
CA PRO C 159 -37.29 -5.29 1.51
C PRO C 159 -37.11 -3.81 1.86
N ALA C 160 -38.12 -3.03 1.48
CA ALA C 160 -38.18 -1.63 1.84
C ALA C 160 -38.06 -1.50 3.32
N LEU C 161 -37.64 -0.34 3.79
CA LEU C 161 -37.44 -0.11 5.20
C LEU C 161 -38.69 -0.07 6.02
N SER C 162 -39.83 0.12 5.37
CA SER C 162 -41.09 0.09 6.10
C SER C 162 -41.51 -1.33 6.45
N ASP C 163 -40.85 -2.36 5.89
CA ASP C 163 -41.31 -3.74 5.92
C ASP C 163 -40.49 -4.66 6.85
N THR C 164 -40.99 -4.82 8.06
CA THR C 164 -40.26 -5.54 9.12
C THR C 164 -40.89 -6.92 9.52
N LYS C 165 -41.83 -7.36 8.68
CA LYS C 165 -42.56 -8.58 8.87
C LYS C 165 -42.18 -9.60 7.82
N LYS C 166 -40.92 -9.63 7.41
CA LYS C 166 -40.57 -10.43 6.24
C LYS C 166 -39.45 -11.40 6.59
N THR C 167 -39.49 -12.64 6.09
CA THR C 167 -38.52 -13.62 6.55
C THR C 167 -37.96 -14.38 5.39
N VAL C 168 -36.83 -15.06 5.65
CA VAL C 168 -36.07 -15.80 4.63
C VAL C 168 -35.52 -17.08 5.27
N GLU C 169 -35.57 -18.23 4.58
CA GLU C 169 -35.03 -19.50 5.14
C GLU C 169 -33.52 -19.51 4.88
N VAL C 170 -32.72 -20.02 5.81
CA VAL C 170 -31.29 -20.06 5.57
C VAL C 170 -30.62 -21.29 6.18
N THR C 171 -29.92 -21.96 5.29
CA THR C 171 -29.25 -23.21 5.53
C THR C 171 -27.79 -22.97 5.87
N ILE C 172 -27.30 -23.59 6.93
CA ILE C 172 -25.95 -23.47 7.44
C ILE C 172 -25.56 -24.89 7.71
N LYS C 173 -24.78 -25.41 6.79
CA LYS C 173 -24.20 -26.71 6.86
C LYS C 173 -22.71 -26.69 7.26
N THR C 174 -22.36 -27.50 8.24
CA THR C 174 -21.01 -27.59 8.75
C THR C 174 -20.68 -29.07 8.85
N ALA C 175 -19.44 -29.37 9.21
CA ALA C 175 -18.94 -30.73 9.29
C ALA C 175 -17.78 -30.79 10.31
N THR C 176 -17.23 -31.98 10.55
CA THR C 176 -16.11 -32.09 11.48
C THR C 176 -15.33 -33.37 11.23
N ASN C 177 -14.01 -33.32 11.49
CA ASN C 177 -13.15 -34.50 11.32
C ASN C 177 -12.06 -34.48 12.41
N ASP C 192 -15.95 -38.25 12.12
CA ASP C 192 -16.62 -37.08 11.52
C ASP C 192 -18.14 -36.93 11.68
N THR C 193 -18.66 -35.72 11.50
CA THR C 193 -20.04 -35.36 11.83
C THR C 193 -20.55 -34.37 10.78
N THR C 194 -21.84 -34.08 10.73
CA THR C 194 -22.36 -33.14 9.75
C THR C 194 -23.61 -32.52 10.27
N VAL C 195 -23.91 -31.30 9.85
CA VAL C 195 -25.02 -30.58 10.40
C VAL C 195 -25.61 -29.86 9.25
N SER C 196 -26.91 -29.73 9.20
CA SER C 196 -27.54 -28.88 8.21
C SER C 196 -28.73 -28.37 8.92
N ILE C 197 -28.78 -27.09 9.21
CA ILE C 197 -29.90 -26.48 9.92
C ILE C 197 -30.44 -25.51 8.95
N THR C 198 -31.73 -25.36 8.94
CA THR C 198 -32.37 -24.45 8.04
C THR C 198 -33.39 -23.78 8.88
N ASP C 199 -33.24 -22.48 9.12
CA ASP C 199 -34.09 -21.82 10.07
C ASP C 199 -34.62 -20.60 9.40
N THR C 200 -35.47 -19.87 10.11
CA THR C 200 -36.07 -18.72 9.56
C THR C 200 -35.61 -17.50 10.33
N PHE C 201 -35.11 -16.53 9.56
CA PHE C 201 -34.67 -15.24 10.09
C PHE C 201 -35.40 -14.10 9.47
N ILE C 202 -35.43 -13.00 10.22
CA ILE C 202 -36.26 -11.90 9.85
C ILE C 202 -35.43 -10.99 8.93
N ASN C 203 -35.95 -10.77 7.74
CA ASN C 203 -35.25 -10.10 6.68
C ASN C 203 -35.68 -8.64 6.59
N ASP C 204 -35.03 -7.81 7.36
CA ASP C 204 -35.22 -6.39 7.29
C ASP C 204 -33.79 -5.82 7.41
N ALA C 205 -33.66 -4.52 7.62
CA ALA C 205 -32.32 -3.94 7.60
C ALA C 205 -31.66 -4.03 8.96
N GLN C 206 -32.43 -3.74 10.00
CA GLN C 206 -31.87 -3.63 11.33
C GLN C 206 -31.14 -4.93 11.64
N ASN C 207 -31.72 -6.01 11.16
CA ASN C 207 -31.21 -7.30 11.54
C ASN C 207 -30.01 -7.59 10.73
N LEU C 208 -30.02 -7.25 9.44
CA LEU C 208 -28.86 -7.61 8.58
C LEU C 208 -27.63 -6.78 8.93
N LEU C 209 -27.86 -5.56 9.34
CA LEU C 209 -26.74 -4.73 9.67
C LEU C 209 -26.01 -5.35 10.82
N THR C 210 -26.78 -5.75 11.82
CA THR C 210 -26.22 -6.43 12.94
C THR C 210 -25.39 -7.60 12.46
N GLN C 211 -25.89 -8.33 11.46
CA GLN C 211 -25.14 -9.48 11.01
C GLN C 211 -23.79 -8.96 10.53
N ALA C 212 -23.83 -7.98 9.58
CA ALA C 212 -22.66 -7.27 9.10
C ALA C 212 -21.74 -6.80 10.21
N GLN C 213 -22.30 -6.07 11.15
CA GLN C 213 -21.51 -5.57 12.27
C GLN C 213 -20.75 -6.69 12.98
N THR C 214 -21.29 -7.89 12.93
CA THR C 214 -20.65 -9.03 13.56
C THR C 214 -19.53 -9.57 12.68
N ILE C 215 -19.70 -9.45 11.38
CA ILE C 215 -18.62 -9.85 10.46
C ILE C 215 -17.38 -8.97 10.59
N ILE C 216 -17.55 -7.63 10.57
CA ILE C 216 -16.39 -6.77 10.58
C ILE C 216 -15.79 -6.70 11.95
N ASN C 217 -16.65 -6.77 12.97
CA ASN C 217 -16.13 -6.70 14.33
C ASN C 217 -15.19 -7.86 14.58
N THR C 218 -15.43 -8.98 13.90
CA THR C 218 -14.61 -10.19 14.09
C THR C 218 -13.18 -9.97 13.63
N LEU C 219 -13.08 -9.28 12.47
CA LEU C 219 -11.81 -9.02 11.81
C LEU C 219 -11.12 -7.89 12.53
N GLN C 220 -11.81 -6.79 12.80
CA GLN C 220 -11.16 -5.69 13.54
C GLN C 220 -10.74 -6.16 14.91
N ASP C 221 -11.59 -6.91 15.60
CA ASP C 221 -11.26 -7.27 16.98
C ASP C 221 -10.13 -8.29 17.01
N ASN C 222 -10.08 -9.17 16.00
CA ASN C 222 -9.11 -10.26 15.97
C ASN C 222 -7.86 -10.17 15.05
N CYS C 223 -7.93 -9.44 13.95
CA CYS C 223 -6.74 -9.25 13.09
C CYS C 223 -6.11 -10.59 12.83
N PRO C 224 -6.92 -11.47 12.28
CA PRO C 224 -6.34 -12.68 11.78
C PRO C 224 -5.22 -12.36 10.82
N GLN C 225 -4.15 -13.15 10.89
CA GLN C 225 -3.10 -13.27 9.91
C GLN C 225 -3.64 -13.81 8.60
N LEU C 226 -2.93 -13.60 7.49
CA LEU C 226 -3.36 -14.05 6.14
C LEU C 226 -2.34 -15.03 5.54
N LYS C 227 -2.80 -16.02 4.77
CA LYS C 227 -1.88 -16.96 4.12
C LYS C 227 -0.85 -16.23 3.19
N GLY C 228 0.36 -16.77 3.08
CA GLY C 228 1.24 -16.51 1.95
C GLY C 228 0.94 -17.48 0.83
N LYS C 229 1.60 -17.30 -0.33
CA LYS C 229 1.25 -18.05 -1.53
C LYS C 229 2.14 -19.24 -1.75
N SER C 230 1.68 -20.12 -2.64
CA SER C 230 2.35 -21.38 -2.95
C SER C 230 3.88 -21.22 -3.19
N SER C 231 4.63 -22.23 -2.75
CA SER C 231 6.08 -22.30 -2.99
C SER C 231 6.51 -23.76 -3.19
N ASN C 240 -5.11 -17.90 -10.21
CA ASN C 240 -4.08 -16.91 -9.94
C ASN C 240 -4.48 -15.83 -8.91
N THR C 241 -3.45 -15.27 -8.27
CA THR C 241 -3.56 -14.49 -7.05
C THR C 241 -4.24 -13.16 -7.25
N PRO C 242 -4.64 -12.52 -6.16
CA PRO C 242 -4.75 -11.07 -6.22
C PRO C 242 -3.45 -10.42 -5.76
N SER C 243 -3.21 -9.23 -6.30
CA SER C 243 -2.09 -8.33 -5.98
C SER C 243 -1.59 -8.23 -4.56
N TRP C 244 -2.53 -8.32 -3.61
CA TRP C 244 -2.20 -7.95 -2.22
C TRP C 244 -1.50 -9.04 -1.44
N GLN C 245 -1.27 -10.18 -2.07
CA GLN C 245 -0.76 -11.29 -1.35
C GLN C 245 0.72 -11.45 -1.44
N THR C 246 1.31 -11.54 -0.27
CA THR C 246 2.71 -11.35 -0.07
C THR C 246 3.32 -12.61 0.40
N GLY C 247 3.50 -13.63 -0.44
CA GLY C 247 4.43 -14.73 -0.07
C GLY C 247 4.75 -14.98 1.42
N ALA C 248 4.51 -14.03 2.30
CA ALA C 248 4.59 -14.20 3.72
C ALA C 248 3.23 -13.89 4.34
N ASN C 249 3.15 -14.10 5.65
CA ASN C 249 1.88 -13.86 6.28
C ASN C 249 1.87 -12.36 6.50
N GLN C 250 0.70 -11.78 6.31
CA GLN C 250 0.44 -10.45 6.72
C GLN C 250 -0.77 -10.40 7.61
N ASN C 251 -0.75 -9.47 8.53
CA ASN C 251 -1.81 -9.22 9.45
C ASN C 251 -2.89 -8.51 8.70
N SER C 252 -4.09 -9.02 8.78
CA SER C 252 -5.17 -8.52 7.96
C SER C 252 -5.54 -7.07 8.34
N CYS C 253 -5.32 -6.68 9.60
CA CYS C 253 -5.60 -5.32 10.05
C CYS C 253 -4.59 -4.32 9.45
N SER C 254 -3.39 -4.79 9.09
CA SER C 254 -2.43 -3.97 8.34
C SER C 254 -2.88 -3.86 6.88
N VAL C 255 -2.97 -4.99 6.20
CA VAL C 255 -3.30 -5.03 4.78
C VAL C 255 -4.65 -4.36 4.49
N PHE C 256 -5.65 -4.50 5.39
CA PHE C 256 -6.99 -3.92 5.11
C PHE C 256 -7.56 -2.95 6.13
N GLY C 257 -6.73 -2.54 7.09
CA GLY C 257 -7.13 -1.51 8.08
C GLY C 257 -8.05 -0.43 7.52
N THR C 258 -7.72 0.17 6.37
CA THR C 258 -8.59 1.28 5.96
C THR C 258 -9.90 0.76 5.39
N GLU C 259 -9.91 -0.40 4.74
CA GLU C 259 -11.21 -1.00 4.34
C GLU C 259 -12.10 -1.48 5.53
N PHE C 260 -11.50 -2.05 6.56
CA PHE C 260 -12.27 -2.39 7.74
C PHE C 260 -12.95 -1.18 8.34
N SER C 261 -12.17 -0.14 8.58
CA SER C 261 -12.71 1.06 9.18
C SER C 261 -13.84 1.64 8.38
N ALA C 262 -13.67 1.63 7.06
CA ALA C 262 -14.64 2.24 6.19
C ALA C 262 -15.92 1.38 6.21
N ILE C 263 -15.77 0.07 6.09
CA ILE C 263 -16.96 -0.70 6.01
C ILE C 263 -17.77 -0.56 7.35
N SER C 264 -17.02 -0.56 8.46
CA SER C 264 -17.58 -0.41 9.78
C SER C 264 -18.24 0.97 10.01
N ASP C 265 -17.89 1.96 9.23
CA ASP C 265 -18.55 3.27 9.38
C ASP C 265 -19.81 3.27 8.52
N MET C 266 -19.74 2.55 7.41
CA MET C 266 -20.87 2.34 6.51
C MET C 266 -21.95 1.59 7.25
N ILE C 267 -21.59 0.42 7.84
CA ILE C 267 -22.58 -0.35 8.51
C ILE C 267 -23.14 0.58 9.57
N SER C 268 -22.24 1.15 10.34
CA SER C 268 -22.66 1.89 11.48
C SER C 268 -23.52 3.12 11.13
N ASN C 269 -23.31 3.69 9.96
CA ASN C 269 -24.05 4.88 9.53
C ASN C 269 -25.39 4.48 9.00
N ALA C 270 -25.42 3.32 8.34
CA ALA C 270 -26.68 2.70 7.96
C ALA C 270 -27.52 2.41 9.21
N GLN C 271 -26.90 1.95 10.28
CA GLN C 271 -27.71 1.69 11.47
C GLN C 271 -28.46 2.93 11.88
N ASN C 272 -27.77 4.06 11.97
CA ASN C 272 -28.45 5.35 12.34
C ASN C 272 -29.52 5.73 11.32
N ILE C 273 -29.28 5.38 10.08
CA ILE C 273 -30.19 5.71 9.01
C ILE C 273 -31.49 5.01 9.21
N VAL C 274 -31.41 3.75 9.65
CA VAL C 274 -32.60 3.01 9.95
C VAL C 274 -33.24 3.57 11.19
N GLN C 275 -32.49 3.69 12.28
CA GLN C 275 -33.02 4.29 13.51
C GLN C 275 -33.81 5.54 13.24
N GLU C 276 -33.13 6.56 12.68
CA GLU C 276 -33.74 7.84 12.38
C GLU C 276 -34.95 7.66 11.51
N THR C 277 -34.87 6.73 10.55
CA THR C 277 -35.95 6.53 9.61
C THR C 277 -37.19 5.96 10.31
N GLN C 278 -36.98 4.96 11.18
CA GLN C 278 -38.05 4.48 12.01
C GLN C 278 -38.68 5.59 12.80
N GLN C 279 -37.90 6.36 13.56
CA GLN C 279 -38.55 7.36 14.40
C GLN C 279 -39.47 8.18 13.52
N LEU C 280 -39.05 8.44 12.28
CA LEU C 280 -39.82 9.29 11.35
C LEU C 280 -41.10 8.72 10.82
N ASN C 281 -41.16 7.39 10.63
CA ASN C 281 -42.43 6.77 10.24
C ASN C 281 -43.46 6.74 11.36
N THR C 282 -43.00 6.53 12.58
CA THR C 282 -43.92 6.44 13.70
C THR C 282 -44.26 7.81 14.23
N THR C 283 -43.84 8.86 13.52
CA THR C 283 -43.94 10.21 14.06
C THR C 283 -44.29 11.31 13.03
N PRO C 284 -45.10 11.01 11.99
CA PRO C 284 -45.40 12.09 11.06
C PRO C 284 -46.29 13.13 11.74
N LEU C 285 -46.47 14.30 11.11
CA LEU C 285 -47.19 15.42 11.74
C LEU C 285 -48.56 15.66 11.14
N LYS C 286 -49.42 16.26 11.96
CA LYS C 286 -50.77 16.63 11.56
C LYS C 286 -50.75 18.11 11.16
N SER C 287 -51.57 18.45 10.19
CA SER C 287 -51.72 19.80 9.69
C SER C 287 -53.03 20.45 10.22
N ILE C 288 -53.37 21.65 9.75
CA ILE C 288 -54.32 22.56 10.43
C ILE C 288 -53.51 23.21 11.56
N ASN C 300 -48.81 26.78 23.54
CA ASN C 300 -49.37 25.65 22.83
C ASN C 300 -48.56 25.21 21.60
N SER C 301 -48.47 26.09 20.60
CA SER C 301 -47.83 25.82 19.30
C SER C 301 -46.30 25.62 19.33
N ILE C 302 -45.69 26.03 20.44
CA ILE C 302 -44.31 25.65 20.78
C ILE C 302 -44.02 24.18 20.40
N ALA C 303 -44.82 23.27 20.92
CA ALA C 303 -44.65 21.87 20.60
C ALA C 303 -44.92 21.59 19.14
N LEU C 304 -45.95 22.23 18.60
CA LEU C 304 -46.42 21.93 17.24
C LEU C 304 -45.37 22.24 16.18
N ALA C 305 -44.20 22.76 16.61
CA ALA C 305 -43.07 23.15 15.74
C ALA C 305 -41.74 22.55 16.18
N GLN C 306 -41.51 22.43 17.49
CA GLN C 306 -40.42 21.58 17.99
C GLN C 306 -40.52 20.16 17.43
N SER C 307 -41.71 19.74 17.07
CA SER C 307 -41.85 18.45 16.40
C SER C 307 -41.31 18.62 15.02
N MET C 308 -41.73 19.69 14.36
CA MET C 308 -41.29 20.00 13.01
C MET C 308 -39.77 20.03 12.99
N LEU C 309 -39.18 20.68 13.99
CA LEU C 309 -37.73 20.81 14.11
C LEU C 309 -36.96 19.49 14.24
N LYS C 310 -37.44 18.57 15.08
CA LYS C 310 -36.81 17.26 15.21
C LYS C 310 -36.86 16.46 13.91
N ASN C 311 -37.98 16.54 13.24
CA ASN C 311 -38.18 15.77 12.02
C ASN C 311 -37.30 16.27 10.89
N ALA C 312 -37.23 17.60 10.74
CA ALA C 312 -36.39 18.21 9.74
C ALA C 312 -34.93 17.89 10.01
N GLN C 313 -34.50 17.94 11.26
CA GLN C 313 -33.13 17.52 11.57
C GLN C 313 -32.85 16.05 11.23
N SER C 314 -33.78 15.17 11.55
CA SER C 314 -33.58 13.74 11.30
C SER C 314 -33.41 13.46 9.84
N GLN C 315 -34.22 14.11 9.01
CA GLN C 315 -34.06 13.94 7.59
C GLN C 315 -32.72 14.48 7.12
N ALA C 316 -32.29 15.59 7.70
CA ALA C 316 -31.01 16.16 7.30
C ALA C 316 -29.94 15.15 7.68
N ALA C 317 -30.00 14.68 8.93
CA ALA C 317 -29.02 13.70 9.37
C ALA C 317 -29.07 12.43 8.53
N VAL C 318 -30.24 12.04 8.04
CA VAL C 318 -30.31 10.84 7.20
C VAL C 318 -29.54 11.06 5.94
N LEU C 319 -29.92 12.11 5.20
CA LEU C 319 -29.34 12.44 3.88
C LEU C 319 -27.84 12.63 3.89
N LYS C 320 -27.33 13.17 5.00
CA LYS C 320 -25.91 13.34 5.19
C LYS C 320 -25.28 11.96 5.37
N LEU C 321 -25.77 11.24 6.37
CA LEU C 321 -25.30 9.87 6.61
C LEU C 321 -25.32 9.10 5.29
N ALA C 322 -26.39 9.23 4.53
CA ALA C 322 -26.47 8.46 3.30
C ALA C 322 -25.30 8.85 2.33
N ASN C 323 -25.12 10.12 2.07
CA ASN C 323 -23.99 10.45 1.29
C ASN C 323 -22.71 9.95 1.96
N GLN C 324 -22.61 10.13 3.27
CA GLN C 324 -21.40 9.73 3.97
C GLN C 324 -21.09 8.22 3.74
N VAL C 325 -22.13 7.39 3.57
CA VAL C 325 -21.88 5.98 3.22
C VAL C 325 -21.27 5.94 1.81
N GLY C 326 -21.83 6.64 0.85
CA GLY C 326 -21.20 6.70 -0.49
C GLY C 326 -19.70 7.03 -0.50
N SER C 327 -19.29 7.97 0.32
CA SER C 327 -17.92 8.36 0.27
C SER C 327 -17.04 7.32 0.95
N ASP C 328 -17.51 6.72 2.04
CA ASP C 328 -16.71 5.67 2.66
C ASP C 328 -16.51 4.61 1.60
N PHE C 329 -17.56 4.31 0.84
CA PHE C 329 -17.44 3.29 -0.18
C PHE C 329 -16.43 3.65 -1.23
N ASN C 330 -16.40 4.91 -1.67
CA ASN C 330 -15.42 5.32 -2.69
C ASN C 330 -14.00 5.07 -2.23
N ARG C 331 -13.76 5.24 -0.93
CA ARG C 331 -12.44 4.92 -0.36
C ARG C 331 -12.10 3.44 -0.39
N ILE C 332 -13.06 2.56 -0.64
CA ILE C 332 -12.78 1.14 -0.69
C ILE C 332 -12.40 0.70 -2.08
N SER C 333 -13.14 1.26 -3.02
CA SER C 333 -13.01 0.87 -4.40
C SER C 333 -11.76 1.42 -5.03
N THR C 334 -11.12 2.39 -4.38
CA THR C 334 -9.86 2.99 -4.87
C THR C 334 -8.62 2.57 -4.07
N GLY C 335 -8.80 1.70 -3.08
CA GLY C 335 -7.71 1.36 -2.20
C GLY C 335 -7.18 0.00 -2.56
N VAL C 336 -6.67 -0.72 -1.53
CA VAL C 336 -6.08 -2.05 -1.74
C VAL C 336 -6.92 -3.02 -2.60
N LEU C 337 -8.24 -3.03 -2.43
CA LEU C 337 -9.08 -3.92 -3.23
C LEU C 337 -9.64 -3.31 -4.50
N LYS C 338 -8.99 -2.27 -5.07
CA LYS C 338 -9.51 -1.63 -6.29
C LYS C 338 -9.95 -2.64 -7.35
N ASN C 339 -9.03 -3.51 -7.75
CA ASN C 339 -9.26 -4.44 -8.86
C ASN C 339 -10.30 -5.54 -8.57
N TYR C 340 -10.67 -5.71 -7.31
CA TYR C 340 -11.23 -6.98 -6.84
C TYR C 340 -12.70 -6.92 -6.37
N ILE C 341 -12.98 -5.99 -5.48
CA ILE C 341 -14.27 -5.94 -4.87
C ILE C 341 -15.46 -5.75 -5.81
N GLU C 342 -15.30 -5.25 -7.02
CA GLU C 342 -16.48 -4.95 -7.81
C GLU C 342 -16.71 -5.87 -8.99
N GLU C 343 -15.80 -6.83 -9.20
CA GLU C 343 -15.86 -7.73 -10.35
C GLU C 343 -16.27 -9.05 -9.79
N CYS C 344 -16.40 -10.06 -10.64
CA CYS C 344 -16.65 -11.42 -10.22
C CYS C 344 -16.34 -12.49 -11.26
N ASN C 345 -16.56 -13.75 -10.91
CA ASN C 345 -16.46 -14.89 -11.82
C ASN C 345 -15.02 -15.34 -11.98
N SER C 352 -24.71 -17.88 -6.36
CA SER C 352 -24.63 -17.07 -5.15
C SER C 352 -23.23 -17.17 -4.56
N VAL C 353 -22.74 -18.40 -4.33
CA VAL C 353 -21.31 -18.63 -4.02
C VAL C 353 -20.80 -19.83 -4.79
N SER C 354 -19.58 -19.71 -5.28
CA SER C 354 -19.02 -20.70 -6.18
C SER C 354 -17.54 -20.96 -5.97
N SER C 355 -17.05 -22.03 -6.58
CA SER C 355 -15.66 -22.45 -6.43
C SER C 355 -14.67 -21.32 -6.75
N ASN C 356 -15.02 -20.51 -7.75
CA ASN C 356 -14.21 -19.37 -8.15
C ASN C 356 -14.85 -18.01 -7.85
N THR C 357 -15.44 -17.86 -6.68
CA THR C 357 -15.81 -16.54 -6.20
C THR C 357 -14.60 -15.96 -5.53
N TRP C 358 -13.69 -16.83 -5.07
CA TRP C 358 -12.62 -16.40 -4.17
C TRP C 358 -11.74 -15.29 -4.73
N GLY C 359 -11.58 -14.21 -3.96
CA GLY C 359 -10.61 -13.16 -4.30
C GLY C 359 -11.21 -11.98 -5.05
N LYS C 360 -12.46 -12.15 -5.51
CA LYS C 360 -13.29 -11.09 -6.01
C LYS C 360 -14.53 -10.94 -5.12
N GLY C 361 -15.18 -9.79 -5.22
CA GLY C 361 -16.25 -9.41 -4.31
C GLY C 361 -17.59 -10.06 -4.62
N CYS C 362 -17.97 -10.04 -5.89
CA CYS C 362 -19.11 -10.81 -6.29
C CYS C 362 -20.42 -10.43 -5.56
N ALA C 363 -20.53 -9.22 -5.04
CA ALA C 363 -21.72 -8.79 -4.35
C ALA C 363 -22.53 -7.78 -5.12
N GLY C 364 -22.20 -7.57 -6.39
CA GLY C 364 -22.93 -6.62 -7.22
C GLY C 364 -23.06 -5.23 -6.61
N VAL C 365 -21.94 -4.61 -6.20
CA VAL C 365 -21.96 -3.29 -5.55
C VAL C 365 -22.06 -2.10 -6.53
N LYS C 366 -21.55 -2.24 -7.76
CA LYS C 366 -21.59 -1.12 -8.74
C LYS C 366 -22.96 -0.48 -8.81
N GLN C 367 -23.91 -1.32 -9.21
CA GLN C 367 -25.28 -0.94 -9.47
C GLN C 367 -25.86 -0.19 -8.30
N THR C 368 -25.50 -0.61 -7.11
CA THR C 368 -26.08 -0.02 -5.92
C THR C 368 -25.41 1.28 -5.59
N LEU C 369 -24.09 1.31 -5.69
CA LEU C 369 -23.37 2.57 -5.58
C LEU C 369 -23.97 3.58 -6.56
N THR C 370 -24.05 3.20 -7.82
CA THR C 370 -24.67 4.06 -8.82
C THR C 370 -26.07 4.50 -8.35
N SER C 371 -26.86 3.53 -7.90
CA SER C 371 -28.26 3.78 -7.52
C SER C 371 -28.35 4.67 -6.29
N LEU C 372 -27.35 4.59 -5.43
CA LEU C 372 -27.29 5.41 -4.24
C LEU C 372 -26.95 6.88 -4.59
N GLU C 373 -25.97 7.06 -5.48
CA GLU C 373 -25.47 8.39 -5.75
C GLU C 373 -26.55 9.14 -6.46
N ASN C 374 -27.21 8.49 -7.42
CA ASN C 374 -28.35 9.13 -8.08
C ASN C 374 -29.42 9.55 -7.09
N SER C 375 -29.63 8.76 -6.05
CA SER C 375 -30.70 9.05 -5.10
C SER C 375 -30.34 10.23 -4.24
N ASN C 376 -29.12 10.26 -3.74
CA ASN C 376 -28.63 11.43 -2.98
C ASN C 376 -28.69 12.72 -3.77
N ALA C 377 -28.37 12.59 -5.05
CA ALA C 377 -28.43 13.69 -5.98
C ALA C 377 -29.88 14.15 -6.07
N SER C 378 -30.81 13.21 -6.22
CA SER C 378 -32.23 13.61 -6.26
C SER C 378 -32.65 14.29 -5.01
N PHE C 379 -32.26 13.76 -3.88
CA PHE C 379 -32.73 14.32 -2.64
C PHE C 379 -32.06 15.63 -2.26
N SER C 380 -30.92 15.96 -2.88
CA SER C 380 -30.23 17.19 -2.50
C SER C 380 -31.14 18.37 -2.76
N SER C 381 -31.88 18.33 -3.84
CA SER C 381 -32.81 19.40 -4.16
C SER C 381 -33.89 19.59 -3.07
N GLN C 382 -34.20 18.57 -2.31
CA GLN C 382 -35.06 18.77 -1.16
C GLN C 382 -34.39 19.47 0.02
N THR C 383 -33.08 19.50 0.11
CA THR C 383 -32.46 20.05 1.33
C THR C 383 -32.84 21.52 1.61
N PRO C 384 -33.20 22.29 0.56
CA PRO C 384 -33.75 23.61 0.90
C PRO C 384 -35.12 23.60 1.60
N GLN C 385 -35.99 22.64 1.29
CA GLN C 385 -37.15 22.36 2.18
C GLN C 385 -36.76 22.11 3.64
N ILE C 386 -35.89 21.12 3.85
CA ILE C 386 -35.53 20.79 5.22
C ILE C 386 -35.03 22.03 5.95
N ASN C 387 -34.21 22.82 5.27
CA ASN C 387 -33.72 24.08 5.85
C ASN C 387 -34.81 25.12 6.02
N GLN C 388 -35.74 25.18 5.09
CA GLN C 388 -36.87 26.09 5.23
C GLN C 388 -37.60 25.75 6.51
N ALA C 389 -37.99 24.49 6.60
CA ALA C 389 -38.80 24.03 7.69
C ALA C 389 -38.07 24.29 8.98
N GLN C 390 -36.77 24.03 8.99
CA GLN C 390 -35.97 24.29 10.17
C GLN C 390 -35.99 25.77 10.53
N ASN C 391 -35.75 26.62 9.55
CA ASN C 391 -35.79 28.05 9.80
C ASN C 391 -37.16 28.50 10.35
N LEU C 392 -38.22 28.02 9.73
CA LEU C 392 -39.57 28.37 10.18
C LEU C 392 -39.79 28.06 11.66
N ALA C 393 -39.41 26.87 12.09
CA ALA C 393 -39.56 26.47 13.49
C ALA C 393 -38.87 27.49 14.38
N ASN C 394 -37.57 27.68 14.15
CA ASN C 394 -36.69 28.48 15.03
C ASN C 394 -37.25 29.78 15.60
N THR C 395 -38.14 30.43 14.86
CA THR C 395 -38.94 31.51 15.42
C THR C 395 -39.78 31.00 16.63
N ILE C 396 -39.28 31.34 17.81
CA ILE C 396 -39.75 30.84 19.10
C ILE C 396 -39.70 32.01 20.10
N VAL C 397 -40.59 32.98 19.92
CA VAL C 397 -40.78 34.09 20.86
C VAL C 397 -41.79 35.04 20.26
N THR D 43 -35.52 26.72 -12.88
CA THR D 43 -35.73 27.15 -11.46
C THR D 43 -34.61 26.62 -10.53
N ALA D 44 -34.40 25.31 -10.50
CA ALA D 44 -33.43 24.68 -9.59
C ALA D 44 -31.97 24.97 -9.95
N ILE D 45 -31.79 25.64 -11.08
CA ILE D 45 -30.53 26.22 -11.49
C ILE D 45 -29.92 27.10 -10.42
N ASN D 46 -30.49 28.30 -10.22
CA ASN D 46 -29.76 29.41 -9.57
C ASN D 46 -29.02 29.04 -8.28
N GLN D 47 -29.57 28.11 -7.52
CA GLN D 47 -28.89 27.56 -6.36
C GLN D 47 -27.81 26.55 -6.75
N ALA D 48 -28.03 25.81 -7.83
CA ALA D 48 -27.08 24.80 -8.33
C ALA D 48 -25.79 25.42 -8.88
N ILE D 49 -25.94 26.57 -9.55
CA ILE D 49 -24.83 27.38 -9.99
C ILE D 49 -24.05 27.95 -8.82
N GLY D 50 -24.74 28.70 -7.95
CA GLY D 50 -24.11 29.19 -6.72
C GLY D 50 -23.20 28.12 -6.13
N ASN D 51 -23.72 26.88 -6.11
CA ASN D 51 -22.99 25.70 -5.61
C ASN D 51 -21.75 25.35 -6.43
N LEU D 52 -21.95 25.17 -7.71
CA LEU D 52 -20.82 25.05 -8.65
C LEU D 52 -19.81 26.20 -8.57
N ASN D 53 -20.26 27.46 -8.57
CA ASN D 53 -19.31 28.58 -8.44
C ASN D 53 -18.60 28.59 -7.09
N ALA D 54 -19.34 28.70 -6.00
CA ALA D 54 -18.74 28.65 -4.66
C ALA D 54 -17.69 27.55 -4.57
N ASN D 55 -17.93 26.47 -5.28
CA ASN D 55 -17.04 25.36 -5.20
C ASN D 55 -15.72 25.69 -5.74
N THR D 56 -15.72 26.35 -6.88
CA THR D 56 -14.47 26.73 -7.52
C THR D 56 -13.76 27.74 -6.65
N GLN D 57 -14.43 28.80 -6.23
CA GLN D 57 -13.77 29.77 -5.39
C GLN D 57 -13.00 29.00 -4.32
N ASN D 58 -13.64 27.98 -3.74
CA ASN D 58 -13.06 27.28 -2.61
C ASN D 58 -11.91 26.30 -2.88
N LEU D 59 -11.98 25.56 -3.98
CA LEU D 59 -10.85 24.73 -4.38
C LEU D 59 -9.63 25.60 -4.83
N ILE D 60 -9.92 26.75 -5.42
CA ILE D 60 -8.93 27.53 -6.17
C ILE D 60 -8.28 28.70 -5.42
N ASP D 61 -9.06 29.36 -4.56
CA ASP D 61 -8.58 30.53 -3.82
C ASP D 61 -8.12 30.10 -2.44
N LYS D 62 -8.83 29.18 -1.80
CA LYS D 62 -8.45 28.70 -0.45
C LYS D 62 -7.30 27.69 -0.49
N THR D 63 -6.67 27.53 0.67
CA THR D 63 -5.55 26.62 0.83
C THR D 63 -5.85 25.58 1.95
N ASP D 64 -6.07 26.06 3.18
CA ASP D 64 -6.39 25.22 4.34
C ASP D 64 -7.36 24.06 4.10
N ASN D 65 -8.50 24.34 3.47
CA ASN D 65 -9.52 23.33 3.30
C ASN D 65 -9.65 22.81 1.89
N SER D 66 -8.64 23.01 1.05
CA SER D 66 -8.77 22.71 -0.39
C SER D 66 -8.13 21.37 -0.73
N PRO D 67 -8.93 20.40 -1.20
CA PRO D 67 -8.48 19.09 -1.66
C PRO D 67 -7.48 19.23 -2.74
N ALA D 68 -7.75 20.19 -3.62
CA ALA D 68 -6.94 20.39 -4.81
C ALA D 68 -5.58 20.84 -4.38
N TYR D 69 -5.57 21.87 -3.53
CA TYR D 69 -4.33 22.37 -3.00
C TYR D 69 -3.57 21.25 -2.31
N GLN D 70 -4.16 20.66 -1.29
CA GLN D 70 -3.46 19.69 -0.46
C GLN D 70 -2.99 18.48 -1.26
N ALA D 71 -3.75 18.08 -2.26
CA ALA D 71 -3.32 16.95 -3.04
C ALA D 71 -2.05 17.30 -3.77
N THR D 72 -2.05 18.48 -4.38
CA THR D 72 -0.91 19.02 -5.12
C THR D 72 0.29 19.07 -4.20
N LEU D 73 0.11 19.70 -3.05
CA LEU D 73 1.18 19.84 -2.07
C LEU D 73 1.72 18.49 -1.59
N LEU D 74 0.84 17.50 -1.52
CA LEU D 74 1.24 16.16 -1.08
C LEU D 74 2.14 15.51 -2.15
N ALA D 75 1.76 15.64 -3.42
CA ALA D 75 2.63 15.13 -4.50
C ALA D 75 4.04 15.75 -4.43
N LEU D 76 4.12 17.05 -4.11
CA LEU D 76 5.48 17.71 -4.08
C LEU D 76 6.26 17.29 -2.88
N LYS D 77 5.63 17.33 -1.72
CA LYS D 77 6.28 16.90 -0.48
C LYS D 77 6.84 15.49 -0.54
N SER D 78 6.08 14.62 -1.22
CA SER D 78 6.40 13.20 -1.27
C SER D 78 7.59 12.97 -2.12
N THR D 79 7.58 13.64 -3.27
CA THR D 79 8.69 13.61 -4.23
C THR D 79 9.96 14.01 -3.53
N VAL D 80 9.89 15.13 -2.84
CA VAL D 80 11.02 15.57 -2.05
C VAL D 80 11.35 14.47 -1.04
N GLY D 81 10.30 14.05 -0.31
CA GLY D 81 10.39 13.01 0.69
C GLY D 81 11.07 11.78 0.11
N LEU D 82 10.63 11.35 -1.07
CA LEU D 82 11.29 10.24 -1.70
C LEU D 82 12.76 10.56 -1.71
N TRP D 83 13.15 11.63 -2.41
CA TRP D 83 14.55 11.90 -2.75
C TRP D 83 15.43 11.96 -1.54
N ASN D 84 14.98 12.64 -0.49
CA ASN D 84 15.75 12.63 0.76
C ASN D 84 16.10 11.23 1.31
N SER D 85 15.14 10.32 1.26
CA SER D 85 15.29 8.95 1.81
C SER D 85 16.27 8.11 1.04
N ILE D 86 16.28 8.32 -0.26
CA ILE D 86 16.97 7.50 -1.24
C ILE D 86 18.35 8.07 -1.51
N ALA D 87 18.48 9.39 -1.46
CA ALA D 87 19.48 10.14 -2.26
C ALA D 87 20.94 9.77 -1.98
N TYR D 88 21.30 9.72 -0.70
CA TYR D 88 22.64 9.30 -0.30
C TYR D 88 23.14 8.01 -0.96
N ALA D 89 22.28 7.22 -1.58
CA ALA D 89 22.67 5.89 -2.03
C ALA D 89 22.59 5.67 -3.52
N VAL D 90 22.02 6.60 -4.23
CA VAL D 90 22.00 6.53 -5.65
C VAL D 90 23.43 6.82 -6.21
N ILE D 91 23.76 6.19 -7.32
CA ILE D 91 25.08 6.08 -7.80
C ILE D 91 25.16 6.78 -9.14
N CYS D 92 25.81 7.93 -9.12
CA CYS D 92 25.90 8.77 -10.28
C CYS D 92 27.33 8.90 -10.74
N GLY D 93 27.49 8.95 -12.04
CA GLY D 93 28.79 9.19 -12.56
C GLY D 93 29.26 8.44 -13.77
N GLY D 94 28.39 7.71 -14.41
CA GLY D 94 28.82 6.91 -15.52
C GLY D 94 29.29 7.76 -16.66
N TYR D 95 30.19 7.20 -17.42
CA TYR D 95 30.64 7.89 -18.58
C TYR D 95 29.54 7.79 -19.62
N THR D 96 29.40 8.82 -20.46
CA THR D 96 28.46 8.83 -21.57
C THR D 96 29.18 8.76 -22.91
N ASP D 97 30.37 9.36 -23.00
CA ASP D 97 31.23 9.25 -24.21
C ASP D 97 32.33 8.26 -23.93
N LYS D 98 33.13 8.50 -22.89
CA LYS D 98 34.25 7.61 -22.62
C LYS D 98 34.73 7.57 -21.16
N PRO D 99 35.28 6.41 -20.76
CA PRO D 99 35.53 6.13 -19.35
C PRO D 99 36.64 7.00 -18.78
N ASN D 100 36.50 7.34 -17.50
CA ASN D 100 37.35 8.29 -16.86
C ASN D 100 37.08 8.39 -15.36
N HIS D 101 38.12 8.32 -14.54
CA HIS D 101 37.98 8.40 -13.09
C HIS D 101 38.34 9.71 -12.45
N ASN D 102 38.66 10.71 -13.28
CA ASN D 102 39.31 11.90 -12.78
C ASN D 102 38.35 12.97 -12.34
N THR D 103 37.19 13.06 -12.97
CA THR D 103 36.36 14.27 -12.79
C THR D 103 35.27 13.95 -11.83
N THR D 104 34.88 14.90 -10.96
CA THR D 104 33.84 14.68 -9.94
C THR D 104 33.05 15.93 -9.51
N GLU D 105 31.75 15.90 -9.81
CA GLU D 105 30.85 17.01 -9.53
C GLU D 105 30.29 16.87 -8.15
N THR D 106 30.11 17.98 -7.48
CA THR D 106 29.55 18.02 -6.17
C THR D 106 28.39 18.95 -6.26
N PHE D 107 27.23 18.45 -5.82
CA PHE D 107 26.03 19.21 -5.85
C PHE D 107 25.73 19.62 -4.44
N TYR D 108 25.64 20.91 -4.19
CA TYR D 108 25.50 21.30 -2.82
C TYR D 108 24.06 21.30 -2.43
N ASN D 109 23.81 21.33 -1.12
CA ASN D 109 22.46 21.26 -0.59
C ASN D 109 21.74 20.03 -1.10
N GLN D 110 22.48 18.93 -1.01
CA GLN D 110 21.90 17.64 -1.21
C GLN D 110 22.07 16.87 0.10
N PRO D 111 21.18 15.91 0.37
CA PRO D 111 21.22 15.15 1.58
C PRO D 111 22.07 13.90 1.39
N GLY D 112 23.38 14.03 1.55
CA GLY D 112 24.24 12.88 1.42
C GLY D 112 24.36 12.38 2.82
N GLN D 113 25.17 11.34 2.97
CA GLN D 113 25.51 10.70 4.25
C GLN D 113 26.09 11.39 5.47
N GLY D 114 27.26 11.99 5.36
CA GLY D 114 27.83 12.71 6.48
C GLY D 114 27.43 14.11 6.08
N SER D 115 27.42 14.35 4.76
CA SER D 115 27.46 15.69 4.20
C SER D 115 26.09 16.29 3.83
N ASP D 116 26.09 17.61 3.62
CA ASP D 116 24.98 18.34 3.01
C ASP D 116 25.21 18.55 1.51
N SER D 117 26.05 17.72 0.91
CA SER D 117 26.19 17.73 -0.52
C SER D 117 26.35 16.30 -0.99
N ILE D 118 25.90 15.97 -2.18
CA ILE D 118 26.28 14.71 -2.79
C ILE D 118 27.32 15.02 -3.87
N THR D 119 28.32 14.16 -4.00
CA THR D 119 29.32 14.15 -5.06
C THR D 119 29.23 12.96 -6.02
N CYS D 120 29.02 13.21 -7.30
CA CYS D 120 28.96 12.16 -8.33
C CYS D 120 30.31 11.55 -8.76
N GLY D 121 30.45 10.25 -8.42
CA GLY D 121 31.73 9.50 -8.38
C GLY D 121 32.69 9.73 -9.54
N GLY D 122 33.98 9.54 -9.24
CA GLY D 122 35.05 9.62 -10.21
C GLY D 122 35.35 8.22 -10.70
N HIS D 123 35.82 7.33 -9.83
CA HIS D 123 36.03 5.92 -10.25
C HIS D 123 34.83 5.23 -10.90
N VAL D 124 33.62 5.56 -10.44
CA VAL D 124 32.41 5.09 -11.13
C VAL D 124 32.43 5.50 -12.58
N GLY D 125 33.00 6.70 -12.83
CA GLY D 125 33.22 7.17 -14.17
C GLY D 125 33.84 6.17 -15.10
N LEU D 126 34.46 5.12 -14.55
CA LEU D 126 35.05 4.13 -15.41
C LEU D 126 34.05 3.24 -16.13
N LEU D 127 32.76 3.31 -15.77
CA LEU D 127 31.75 2.39 -16.31
C LEU D 127 30.55 3.13 -16.88
N GLN D 128 29.97 2.58 -17.94
CA GLN D 128 29.01 3.34 -18.70
C GLN D 128 27.78 3.63 -17.86
N ALA D 129 27.28 4.86 -17.99
CA ALA D 129 26.03 5.30 -17.37
C ALA D 129 24.96 4.62 -18.18
N GLY D 130 23.75 4.53 -17.65
CA GLY D 130 22.69 3.84 -18.38
C GLY D 130 21.58 3.27 -17.52
N LYS D 131 20.57 2.71 -18.17
CA LYS D 131 19.58 1.92 -17.46
C LYS D 131 20.23 0.83 -16.59
N ASN D 132 19.78 0.78 -15.33
CA ASN D 132 20.12 -0.24 -14.34
C ASN D 132 21.55 -0.18 -13.82
N ASN D 133 22.31 0.86 -14.21
CA ASN D 133 23.64 0.96 -13.68
C ASN D 133 23.82 2.18 -12.83
N SER D 134 23.95 3.32 -13.46
CA SER D 134 24.51 4.51 -12.85
C SER D 134 23.87 5.63 -13.61
N LEU D 135 23.51 6.70 -12.91
CA LEU D 135 23.12 7.96 -13.58
C LEU D 135 24.37 8.65 -14.21
N SER D 136 24.16 9.49 -15.23
CA SER D 136 25.22 10.39 -15.75
C SER D 136 25.25 11.57 -14.83
N ILE D 137 26.31 12.34 -14.89
CA ILE D 137 26.39 13.56 -14.10
C ILE D 137 25.34 14.53 -14.59
N GLU D 138 25.13 14.58 -15.90
CA GLU D 138 24.11 15.45 -16.49
C GLU D 138 22.76 15.21 -15.83
N GLN D 139 22.32 13.92 -15.89
CA GLN D 139 21.06 13.44 -15.34
C GLN D 139 20.89 13.80 -13.87
N PHE D 140 21.96 13.66 -13.12
CA PHE D 140 21.88 14.10 -11.74
C PHE D 140 21.68 15.63 -11.66
N ALA D 141 22.49 16.39 -12.40
CA ALA D 141 22.34 17.86 -12.45
C ALA D 141 20.96 18.29 -12.84
N THR D 142 20.37 17.61 -13.82
CA THR D 142 19.06 18.01 -14.16
C THR D 142 18.09 17.68 -13.06
N LEU D 143 18.31 16.60 -12.30
CA LEU D 143 17.53 16.30 -11.09
C LEU D 143 17.68 17.31 -10.02
N ASN D 144 18.93 17.67 -9.78
CA ASN D 144 19.24 18.52 -8.65
C ASN D 144 18.63 19.86 -8.83
N LYS D 145 18.57 20.27 -10.08
CA LYS D 145 17.99 21.56 -10.36
C LYS D 145 16.55 21.50 -9.86
N ALA D 146 15.81 20.55 -10.44
CA ALA D 146 14.39 20.37 -10.13
C ALA D 146 14.20 20.22 -8.65
N TYR D 147 15.09 19.50 -8.00
CA TYR D 147 15.02 19.39 -6.56
C TYR D 147 15.16 20.71 -5.84
N GLN D 148 16.15 21.54 -6.24
CA GLN D 148 16.46 22.76 -5.48
C GLN D 148 15.32 23.70 -5.64
N ILE D 149 14.70 23.69 -6.82
CA ILE D 149 13.55 24.57 -7.08
C ILE D 149 12.41 24.26 -6.13
N ILE D 150 12.04 22.99 -6.05
CA ILE D 150 10.94 22.61 -5.19
C ILE D 150 11.23 22.94 -3.76
N GLN D 151 12.43 22.65 -3.27
CA GLN D 151 12.75 23.06 -1.89
C GLN D 151 12.52 24.57 -1.74
N ALA D 152 13.17 25.36 -2.57
CA ALA D 152 13.09 26.81 -2.42
C ALA D 152 11.64 27.26 -2.35
N ALA D 153 10.83 26.76 -3.27
CA ALA D 153 9.41 27.11 -3.29
C ALA D 153 8.60 26.62 -2.07
N LEU D 154 9.01 25.56 -1.40
CA LEU D 154 8.31 25.17 -0.18
C LEU D 154 8.68 26.04 0.98
N LYS D 155 9.92 26.49 1.11
CA LYS D 155 10.25 27.32 2.26
C LYS D 155 9.38 28.53 2.07
N GLN D 156 9.35 29.08 0.85
CA GLN D 156 8.46 30.20 0.57
C GLN D 156 7.01 29.73 0.64
N GLY D 157 6.73 28.51 0.18
CA GLY D 157 5.43 27.92 0.35
C GLY D 157 4.51 28.05 -0.84
N LEU D 158 3.97 26.93 -1.29
CA LEU D 158 3.15 26.90 -2.48
C LEU D 158 1.97 27.83 -2.30
N PRO D 159 1.75 28.74 -3.25
CA PRO D 159 0.58 29.58 -3.10
C PRO D 159 -0.66 28.87 -3.60
N ALA D 160 -1.80 29.54 -3.47
CA ALA D 160 -3.08 29.06 -3.97
C ALA D 160 -3.04 28.80 -5.45
N LEU D 161 -4.07 28.17 -5.97
CA LEU D 161 -4.01 27.73 -7.36
C LEU D 161 -4.41 28.80 -8.34
N SER D 162 -5.33 29.69 -7.94
CA SER D 162 -5.66 30.87 -8.74
C SER D 162 -4.44 31.75 -8.95
N ASP D 163 -3.54 31.79 -7.96
CA ASP D 163 -2.33 32.58 -7.98
C ASP D 163 -1.27 31.95 -8.89
N THR D 164 -0.84 32.67 -9.93
CA THR D 164 0.23 32.25 -10.85
C THR D 164 1.41 33.26 -10.84
N LYS D 165 1.25 34.30 -10.04
CA LYS D 165 2.18 35.40 -10.06
C LYS D 165 3.46 35.09 -9.33
N LYS D 166 3.31 34.54 -8.14
CA LYS D 166 4.40 34.37 -7.18
C LYS D 166 5.69 33.77 -7.77
N THR D 167 6.80 34.43 -7.48
CA THR D 167 8.11 34.01 -7.95
C THR D 167 8.94 33.62 -6.79
N VAL D 168 10.04 32.93 -7.03
CA VAL D 168 10.90 32.48 -5.94
C VAL D 168 12.33 32.50 -6.43
N GLU D 169 13.25 32.91 -5.56
CA GLU D 169 14.70 32.90 -5.88
C GLU D 169 15.29 31.58 -5.45
N VAL D 170 16.15 31.03 -6.31
CA VAL D 170 16.85 29.79 -6.03
C VAL D 170 18.28 29.76 -6.58
N THR D 171 19.17 29.45 -5.63
CA THR D 171 20.61 29.28 -5.81
C THR D 171 20.86 27.80 -6.22
N ILE D 172 21.91 27.51 -6.98
CA ILE D 172 22.28 26.14 -7.37
C ILE D 172 23.82 26.20 -7.42
N LYS D 173 24.45 25.83 -6.32
CA LYS D 173 25.90 25.67 -6.26
C LYS D 173 26.37 24.25 -6.69
N THR D 174 27.37 24.18 -7.54
CA THR D 174 27.93 22.95 -8.04
C THR D 174 29.42 23.14 -8.31
N ALA D 175 30.27 22.37 -7.66
CA ALA D 175 31.69 22.37 -7.96
C ALA D 175 32.07 21.24 -8.90
N THR D 176 33.29 21.33 -9.42
CA THR D 176 33.95 20.23 -10.09
C THR D 176 35.33 20.05 -9.46
N ASN D 177 35.66 18.83 -9.02
CA ASN D 177 36.97 18.54 -8.38
C ASN D 177 37.34 19.41 -7.14
N ASP D 192 38.40 23.48 -7.32
CA ASP D 192 38.79 23.59 -8.73
C ASP D 192 37.87 24.57 -9.54
N THR D 193 36.76 24.10 -10.12
CA THR D 193 35.71 24.98 -10.74
C THR D 193 34.47 25.07 -9.87
N THR D 194 33.69 26.13 -9.96
CA THR D 194 32.58 26.27 -9.04
C THR D 194 31.59 27.26 -9.60
N VAL D 195 30.32 26.91 -9.57
CA VAL D 195 29.32 27.67 -10.24
C VAL D 195 28.23 27.91 -9.23
N SER D 196 27.86 29.16 -9.03
CA SER D 196 26.72 29.45 -8.18
C SER D 196 25.74 30.34 -8.92
N ILE D 197 24.49 29.92 -9.07
CA ILE D 197 23.52 30.67 -9.83
C ILE D 197 22.26 30.87 -9.06
N THR D 198 21.81 32.11 -9.01
CA THR D 198 20.59 32.44 -8.35
C THR D 198 19.64 33.04 -9.36
N ASP D 199 18.54 32.35 -9.62
CA ASP D 199 17.64 32.71 -10.69
C ASP D 199 16.28 32.75 -10.09
N THR D 200 15.36 33.36 -10.82
CA THR D 200 14.02 33.54 -10.35
C THR D 200 13.18 32.52 -11.08
N PHE D 201 12.30 31.88 -10.31
CA PHE D 201 11.53 30.77 -10.83
C PHE D 201 10.11 30.98 -10.36
N ILE D 202 9.14 30.61 -11.20
CA ILE D 202 7.71 30.72 -10.85
C ILE D 202 7.39 29.78 -9.70
N ASN D 203 6.86 30.30 -8.62
CA ASN D 203 6.33 29.47 -7.55
C ASN D 203 4.84 29.25 -7.80
N ASP D 204 4.52 28.25 -8.61
CA ASP D 204 3.16 27.76 -8.77
C ASP D 204 3.12 26.24 -9.01
N ALA D 205 1.97 25.63 -8.74
CA ALA D 205 1.83 24.19 -8.81
C ALA D 205 2.21 23.65 -10.17
N GLN D 206 1.57 24.25 -11.15
CA GLN D 206 1.79 23.95 -12.55
C GLN D 206 3.23 23.60 -12.73
N ASN D 207 4.10 24.46 -12.24
CA ASN D 207 5.47 24.36 -12.58
C ASN D 207 6.19 23.41 -11.71
N LEU D 208 6.03 23.59 -10.41
CA LEU D 208 6.66 22.67 -9.44
C LEU D 208 6.28 21.20 -9.75
N LEU D 209 5.08 20.94 -10.23
CA LEU D 209 4.81 19.55 -10.53
C LEU D 209 5.70 19.14 -11.66
N THR D 210 5.85 19.97 -12.66
CA THR D 210 6.75 19.59 -13.74
C THR D 210 8.18 19.22 -13.28
N GLN D 211 8.66 19.94 -12.26
CA GLN D 211 9.95 19.62 -11.66
C GLN D 211 9.93 18.24 -11.00
N ALA D 212 8.86 17.97 -10.24
CA ALA D 212 8.67 16.63 -9.61
C ALA D 212 8.67 15.58 -10.70
N GLN D 213 7.96 15.85 -11.77
CA GLN D 213 7.83 14.87 -12.83
C GLN D 213 9.24 14.63 -13.32
N THR D 214 10.04 15.68 -13.41
CA THR D 214 11.43 15.57 -13.87
C THR D 214 12.16 14.61 -12.98
N ILE D 215 11.92 14.73 -11.68
CA ILE D 215 12.69 13.94 -10.71
C ILE D 215 12.36 12.47 -10.82
N ILE D 216 11.07 12.11 -10.80
CA ILE D 216 10.65 10.71 -10.74
C ILE D 216 10.94 10.04 -12.05
N ASN D 217 10.78 10.74 -13.17
CA ASN D 217 11.13 10.14 -14.45
C ASN D 217 12.62 9.79 -14.54
N THR D 218 13.46 10.55 -13.85
CA THR D 218 14.88 10.28 -13.92
C THR D 218 15.14 8.93 -13.34
N LEU D 219 14.52 8.69 -12.19
CA LEU D 219 14.63 7.42 -11.44
C LEU D 219 14.00 6.20 -12.11
N GLN D 220 12.80 6.38 -12.65
CA GLN D 220 12.05 5.28 -13.29
C GLN D 220 12.65 4.88 -14.60
N ASP D 221 13.14 5.84 -15.37
CA ASP D 221 13.62 5.56 -16.71
C ASP D 221 15.04 5.03 -16.66
N ASN D 222 15.78 5.43 -15.63
CA ASN D 222 17.18 5.06 -15.52
C ASN D 222 17.49 4.00 -14.46
N CYS D 223 16.64 3.81 -13.45
CA CYS D 223 16.79 2.69 -12.52
C CYS D 223 18.21 2.58 -12.06
N PRO D 224 18.70 3.64 -11.45
CA PRO D 224 20.09 3.50 -11.05
C PRO D 224 20.20 2.48 -9.96
N GLN D 225 21.43 2.04 -9.79
CA GLN D 225 21.84 1.02 -8.86
C GLN D 225 22.09 1.77 -7.56
N LEU D 226 22.25 1.08 -6.44
CA LEU D 226 22.34 1.71 -5.11
C LEU D 226 23.54 1.22 -4.31
N LYS D 227 24.16 2.12 -3.54
CA LYS D 227 25.38 1.74 -2.80
C LYS D 227 25.12 0.57 -1.81
N GLY D 228 26.13 -0.28 -1.62
CA GLY D 228 26.25 -1.19 -0.48
C GLY D 228 26.59 -0.52 0.83
N LYS D 229 26.82 -1.27 1.89
CA LYS D 229 26.87 -0.74 3.27
C LYS D 229 28.29 -0.61 3.82
N SER D 230 29.10 -1.65 3.57
CA SER D 230 30.49 -1.81 4.10
C SER D 230 30.91 -3.29 4.07
N ASN D 240 24.26 4.75 11.73
CA ASN D 240 23.07 3.91 11.62
C ASN D 240 22.22 4.09 10.31
N THR D 241 22.53 3.23 9.34
CA THR D 241 21.75 3.00 8.12
C THR D 241 20.25 2.85 8.29
N PRO D 242 19.47 3.11 7.24
CA PRO D 242 18.10 2.59 7.04
C PRO D 242 18.10 1.14 6.65
N SER D 243 16.97 0.47 6.78
CA SER D 243 16.95 -1.01 6.86
C SER D 243 16.81 -1.70 5.50
N TRP D 244 16.37 -0.97 4.50
CA TRP D 244 16.31 -1.50 3.14
C TRP D 244 17.68 -1.62 2.51
N GLN D 245 18.71 -1.15 3.21
CA GLN D 245 20.04 -1.17 2.61
C GLN D 245 20.78 -2.44 2.98
N THR D 246 21.13 -3.18 1.92
CA THR D 246 21.93 -4.37 1.92
C THR D 246 23.39 -4.08 2.04
N GLY D 247 24.18 -5.13 2.07
CA GLY D 247 25.57 -5.04 1.81
C GLY D 247 25.91 -5.06 0.34
N ALA D 248 24.96 -5.40 -0.51
CA ALA D 248 25.20 -5.48 -1.95
C ALA D 248 24.44 -4.42 -2.75
N ASN D 249 24.69 -4.33 -4.06
CA ASN D 249 23.99 -3.29 -4.81
C ASN D 249 22.56 -3.72 -5.12
N GLN D 250 21.64 -2.76 -5.11
CA GLN D 250 20.27 -3.06 -5.43
C GLN D 250 19.70 -2.10 -6.48
N ASN D 251 19.03 -2.69 -7.46
CA ASN D 251 18.43 -1.94 -8.49
C ASN D 251 17.28 -1.20 -7.88
N SER D 252 17.36 0.13 -7.89
CA SER D 252 16.39 0.98 -7.23
C SER D 252 14.97 0.86 -7.77
N CYS D 253 14.80 0.35 -8.98
CA CYS D 253 13.45 0.02 -9.47
C CYS D 253 12.89 -1.26 -8.76
N SER D 254 13.75 -2.23 -8.40
CA SER D 254 13.29 -3.38 -7.58
C SER D 254 12.89 -2.93 -6.21
N VAL D 255 13.76 -2.18 -5.55
CA VAL D 255 13.54 -1.92 -4.15
C VAL D 255 12.42 -0.96 -3.95
N PHE D 256 12.36 0.08 -4.78
CA PHE D 256 11.46 1.19 -4.54
C PHE D 256 10.39 1.32 -5.57
N GLY D 257 10.26 0.30 -6.41
CA GLY D 257 9.21 0.22 -7.45
C GLY D 257 7.84 0.80 -7.17
N THR D 258 7.24 0.43 -6.04
CA THR D 258 5.87 0.88 -5.76
C THR D 258 5.84 2.30 -5.30
N GLU D 259 6.90 2.78 -4.65
CA GLU D 259 7.03 4.23 -4.36
C GLU D 259 7.17 5.05 -5.62
N PHE D 260 8.00 4.59 -6.55
CA PHE D 260 8.19 5.37 -7.77
C PHE D 260 6.86 5.45 -8.47
N SER D 261 6.14 4.30 -8.51
CA SER D 261 4.86 4.22 -9.23
C SER D 261 3.84 5.08 -8.54
N ALA D 262 3.88 5.07 -7.23
CA ALA D 262 2.90 5.79 -6.44
C ALA D 262 3.09 7.27 -6.53
N ILE D 263 4.32 7.71 -6.47
CA ILE D 263 4.54 9.16 -6.45
C ILE D 263 4.34 9.77 -7.83
N SER D 264 4.92 9.11 -8.81
CA SER D 264 4.51 9.26 -10.16
C SER D 264 2.98 9.35 -10.34
N ASP D 265 2.23 8.35 -9.88
CA ASP D 265 0.78 8.42 -10.07
C ASP D 265 0.22 9.71 -9.43
N MET D 266 0.77 10.14 -8.29
CA MET D 266 0.31 11.36 -7.61
C MET D 266 0.60 12.64 -8.40
N ILE D 267 1.85 12.80 -8.85
CA ILE D 267 2.23 13.96 -9.62
C ILE D 267 1.22 14.07 -10.72
N SER D 268 1.16 12.98 -11.46
CA SER D 268 0.38 12.92 -12.64
C SER D 268 -1.10 13.27 -12.40
N ASN D 269 -1.67 12.76 -11.31
CA ASN D 269 -3.01 13.18 -10.89
C ASN D 269 -3.14 14.63 -10.47
N ALA D 270 -2.22 15.11 -9.64
CA ALA D 270 -2.18 16.53 -9.26
C ALA D 270 -2.17 17.47 -10.49
N GLN D 271 -1.42 17.12 -11.51
CA GLN D 271 -1.49 17.88 -12.75
C GLN D 271 -2.89 18.07 -13.24
N ASN D 272 -3.68 17.00 -13.28
CA ASN D 272 -5.03 17.13 -13.84
C ASN D 272 -5.88 17.98 -12.94
N ILE D 273 -5.60 17.90 -11.66
CA ILE D 273 -6.26 18.78 -10.73
C ILE D 273 -6.03 20.23 -11.19
N VAL D 274 -4.74 20.58 -11.34
CA VAL D 274 -4.34 21.91 -11.74
C VAL D 274 -5.00 22.35 -13.04
N GLN D 275 -4.93 21.52 -14.08
CA GLN D 275 -5.66 21.79 -15.33
C GLN D 275 -7.09 22.19 -15.10
N GLU D 276 -7.80 21.26 -14.49
CA GLU D 276 -9.24 21.29 -14.33
C GLU D 276 -9.60 22.52 -13.56
N THR D 277 -8.83 22.84 -12.53
CA THR D 277 -9.10 24.04 -11.77
C THR D 277 -8.86 25.26 -12.63
N GLN D 278 -7.69 25.34 -13.27
CA GLN D 278 -7.52 26.30 -14.32
C GLN D 278 -8.74 26.59 -15.19
N GLN D 279 -9.32 25.58 -15.84
CA GLN D 279 -10.35 25.87 -16.86
C GLN D 279 -11.55 26.29 -16.07
N LEU D 280 -11.78 25.60 -14.95
CA LEU D 280 -12.91 25.90 -14.06
C LEU D 280 -12.94 27.36 -13.68
N ASN D 281 -11.81 27.89 -13.21
CA ASN D 281 -11.70 29.28 -12.74
C ASN D 281 -12.00 30.32 -13.81
N THR D 282 -11.41 30.15 -15.00
CA THR D 282 -11.71 31.04 -16.12
C THR D 282 -13.11 30.83 -16.71
N THR D 283 -13.97 30.03 -16.07
CA THR D 283 -15.27 29.69 -16.66
C THR D 283 -16.43 29.78 -15.62
N PRO D 284 -16.55 30.93 -14.93
CA PRO D 284 -17.74 31.06 -14.10
C PRO D 284 -19.02 30.92 -14.93
N LEU D 285 -20.17 30.92 -14.26
CA LEU D 285 -21.45 30.63 -14.92
C LEU D 285 -22.41 31.81 -15.08
N LYS D 286 -22.48 32.70 -14.10
CA LYS D 286 -23.57 33.69 -13.98
C LYS D 286 -24.89 32.99 -13.72
N ASN D 295 -37.04 30.92 -21.30
CA ASN D 295 -36.87 29.48 -21.39
C ASN D 295 -37.93 28.81 -22.29
N LEU D 296 -37.57 27.70 -22.94
CA LEU D 296 -38.47 26.98 -23.88
C LEU D 296 -37.93 25.56 -24.23
N ASN D 297 -38.48 24.97 -25.29
CA ASN D 297 -37.95 23.75 -25.95
C ASN D 297 -36.89 24.05 -27.01
N SER D 298 -35.69 23.50 -26.83
CA SER D 298 -34.51 23.81 -27.67
C SER D 298 -34.42 25.30 -28.08
N PRO D 299 -34.39 26.22 -27.09
CA PRO D 299 -34.34 27.63 -27.35
C PRO D 299 -32.98 28.16 -26.91
N ASN D 300 -31.90 27.57 -27.41
CA ASN D 300 -30.56 28.09 -27.18
C ASN D 300 -30.22 28.38 -25.70
N SER D 301 -30.87 27.68 -24.79
CA SER D 301 -30.38 27.56 -23.42
C SER D 301 -29.93 26.10 -23.23
N ILE D 302 -29.69 25.43 -24.36
CA ILE D 302 -29.05 24.12 -24.40
C ILE D 302 -27.59 24.35 -24.07
N ALA D 303 -27.03 25.42 -24.60
CA ALA D 303 -25.77 25.91 -24.07
C ALA D 303 -26.04 26.28 -22.64
N LEU D 304 -25.00 26.67 -21.90
CA LEU D 304 -25.22 27.02 -20.49
C LEU D 304 -26.13 25.99 -19.77
N ALA D 305 -26.04 24.75 -20.24
CA ALA D 305 -26.52 23.57 -19.57
C ALA D 305 -25.38 22.60 -19.79
N GLN D 306 -25.05 22.35 -21.06
CA GLN D 306 -23.76 21.76 -21.44
C GLN D 306 -22.62 22.44 -20.70
N SER D 307 -22.80 23.72 -20.45
CA SER D 307 -21.87 24.48 -19.67
C SER D 307 -21.87 24.00 -18.28
N MET D 308 -23.05 24.05 -17.70
CA MET D 308 -23.26 23.66 -16.32
C MET D 308 -22.77 22.23 -16.17
N LEU D 309 -23.18 21.35 -17.08
CA LEU D 309 -22.66 19.99 -17.17
C LEU D 309 -21.13 19.92 -17.06
N LYS D 310 -20.47 20.67 -17.96
CA LYS D 310 -19.01 20.64 -18.11
C LYS D 310 -18.33 20.93 -16.79
N ASN D 311 -18.79 21.96 -16.11
CA ASN D 311 -18.17 22.33 -14.85
C ASN D 311 -18.33 21.31 -13.72
N ALA D 312 -19.51 20.68 -13.69
CA ALA D 312 -19.81 19.76 -12.65
C ALA D 312 -19.01 18.49 -12.90
N GLN D 313 -19.03 18.06 -14.15
CA GLN D 313 -18.29 16.89 -14.55
C GLN D 313 -16.79 17.03 -14.27
N SER D 314 -16.31 18.29 -14.26
CA SER D 314 -14.94 18.65 -13.97
C SER D 314 -14.67 18.82 -12.48
N GLN D 315 -15.63 19.36 -11.76
CA GLN D 315 -15.45 19.41 -10.31
C GLN D 315 -15.46 17.98 -9.71
N ALA D 316 -16.35 17.14 -10.21
CA ALA D 316 -16.34 15.73 -9.89
C ALA D 316 -14.96 15.16 -10.14
N ALA D 317 -14.40 15.42 -11.32
CA ALA D 317 -13.08 14.86 -11.64
C ALA D 317 -12.05 15.26 -10.59
N VAL D 318 -12.17 16.51 -10.14
CA VAL D 318 -11.18 17.06 -9.26
C VAL D 318 -11.19 16.32 -7.94
N LEU D 319 -12.38 16.29 -7.34
CA LEU D 319 -12.60 15.66 -6.04
C LEU D 319 -12.19 14.21 -6.03
N LYS D 320 -12.41 13.57 -7.16
CA LYS D 320 -12.06 12.18 -7.33
C LYS D 320 -10.58 12.00 -7.30
N LEU D 321 -9.91 12.63 -8.26
CA LEU D 321 -8.44 12.75 -8.33
C LEU D 321 -7.74 13.06 -7.02
N ALA D 322 -8.29 13.96 -6.23
CA ALA D 322 -7.67 14.32 -4.95
C ALA D 322 -7.78 13.16 -3.90
N ASN D 323 -8.99 12.60 -3.77
CA ASN D 323 -9.16 11.39 -3.08
C ASN D 323 -8.08 10.43 -3.51
N GLN D 324 -7.97 10.23 -4.81
CA GLN D 324 -7.05 9.24 -5.32
C GLN D 324 -5.59 9.56 -4.94
N VAL D 325 -5.25 10.84 -4.77
CA VAL D 325 -3.90 11.20 -4.32
C VAL D 325 -3.59 10.67 -2.91
N GLY D 326 -4.57 10.67 -2.04
CA GLY D 326 -4.41 9.99 -0.74
C GLY D 326 -4.27 8.48 -0.88
N SER D 327 -5.15 7.92 -1.69
CA SER D 327 -5.15 6.51 -2.02
C SER D 327 -3.80 6.12 -2.67
N ASP D 328 -3.35 6.85 -3.69
CA ASP D 328 -1.97 6.66 -4.23
C ASP D 328 -0.86 6.75 -3.15
N PHE D 329 -0.95 7.72 -2.25
CA PHE D 329 0.01 7.79 -1.15
C PHE D 329 -0.03 6.54 -0.24
N ASN D 330 -1.23 6.05 0.08
CA ASN D 330 -1.33 4.88 0.95
C ASN D 330 -0.50 3.73 0.43
N ARG D 331 -0.41 3.52 -0.87
CA ARG D 331 0.39 2.40 -1.36
C ARG D 331 1.78 2.36 -0.73
N ILE D 332 2.36 3.52 -0.46
CA ILE D 332 3.68 3.54 0.13
C ILE D 332 3.66 2.99 1.52
N SER D 333 2.71 3.50 2.29
CA SER D 333 2.39 2.97 3.64
C SER D 333 2.29 1.42 3.68
N THR D 334 2.06 0.76 2.54
CA THR D 334 2.54 -0.65 2.29
C THR D 334 4.02 -1.02 2.28
N GLY D 335 4.78 -0.35 1.40
CA GLY D 335 6.14 -0.76 1.00
C GLY D 335 7.29 -0.18 1.83
N VAL D 336 8.50 -0.42 1.35
CA VAL D 336 9.71 -0.29 2.14
C VAL D 336 9.90 1.07 2.90
N LEU D 337 9.56 2.21 2.30
CA LEU D 337 9.66 3.53 3.00
C LEU D 337 8.43 3.89 3.82
N LYS D 338 7.66 2.85 4.18
CA LYS D 338 6.52 2.96 5.08
C LYS D 338 6.70 3.91 6.24
N ASN D 339 7.85 3.82 6.88
CA ASN D 339 8.09 4.54 8.11
C ASN D 339 8.91 5.79 7.75
N TYR D 340 10.07 5.56 7.15
CA TYR D 340 11.05 6.63 6.87
C TYR D 340 10.59 7.94 6.18
N ILE D 341 9.92 7.83 5.05
CA ILE D 341 9.39 8.99 4.34
C ILE D 341 8.60 10.03 5.18
N GLU D 342 8.08 9.64 6.35
CA GLU D 342 7.32 10.61 7.15
C GLU D 342 8.03 11.13 8.38
N GLU D 343 9.31 10.82 8.54
CA GLU D 343 10.03 11.06 9.80
C GLU D 343 11.16 12.02 9.57
N CYS D 344 11.83 12.50 10.63
CA CYS D 344 13.02 13.38 10.47
C CYS D 344 13.87 13.61 11.74
N ASN D 345 14.92 14.44 11.64
CA ASN D 345 15.87 14.73 12.73
C ASN D 345 16.24 16.22 13.00
N ALA D 346 15.54 17.15 12.34
CA ALA D 346 15.94 18.59 12.26
C ALA D 346 17.21 18.74 11.44
N VAL D 353 17.50 21.03 4.58
CA VAL D 353 18.67 20.17 4.35
C VAL D 353 19.85 20.45 5.27
N SER D 354 20.30 19.40 5.95
CA SER D 354 21.45 19.45 6.82
C SER D 354 22.24 18.15 6.72
N SER D 355 23.39 18.14 7.36
CA SER D 355 24.23 16.95 7.43
C SER D 355 23.41 15.69 7.79
N ASN D 356 22.50 15.84 8.77
CA ASN D 356 21.77 14.73 9.33
C ASN D 356 20.34 14.66 8.83
N THR D 357 20.13 14.71 7.50
CA THR D 357 18.78 14.45 6.95
C THR D 357 18.67 13.32 5.95
N TRP D 358 19.80 12.75 5.53
CA TRP D 358 19.77 11.54 4.71
C TRP D 358 18.95 10.41 5.32
N GLY D 359 18.04 9.84 4.52
CA GLY D 359 17.49 8.51 4.82
C GLY D 359 16.12 8.49 5.48
N LYS D 360 15.58 9.69 5.69
CA LYS D 360 14.21 9.97 6.02
C LYS D 360 13.73 11.17 5.19
N GLY D 361 12.45 11.22 4.89
CA GLY D 361 11.86 12.19 3.98
C GLY D 361 11.94 13.65 4.41
N CYS D 362 12.05 13.94 5.69
CA CYS D 362 12.23 15.31 6.17
C CYS D 362 11.50 16.48 5.43
N ALA D 363 10.33 16.19 4.87
CA ALA D 363 9.53 17.13 4.11
C ALA D 363 8.18 17.43 4.75
N GLY D 364 7.97 17.04 6.01
CA GLY D 364 6.71 17.29 6.72
C GLY D 364 5.46 16.75 6.03
N VAL D 365 5.56 15.53 5.49
CA VAL D 365 4.43 14.84 4.84
C VAL D 365 3.17 14.60 5.72
N LYS D 366 3.28 13.93 6.87
CA LYS D 366 2.09 13.61 7.69
C LYS D 366 1.11 14.74 7.74
N GLN D 367 1.62 15.90 8.16
CA GLN D 367 0.81 17.10 8.44
C GLN D 367 -0.11 17.36 7.26
N THR D 368 0.48 17.33 6.07
CA THR D 368 -0.23 17.53 4.83
C THR D 368 -1.18 16.38 4.47
N LEU D 369 -0.74 15.15 4.69
CA LEU D 369 -1.61 14.01 4.46
C LEU D 369 -2.85 14.17 5.27
N THR D 370 -2.70 14.34 6.57
CA THR D 370 -3.90 14.43 7.38
C THR D 370 -4.70 15.69 6.95
N SER D 371 -4.02 16.73 6.48
CA SER D 371 -4.72 17.90 5.93
C SER D 371 -5.53 17.62 4.67
N LEU D 372 -5.09 16.67 3.87
CA LEU D 372 -5.77 16.34 2.62
C LEU D 372 -6.99 15.53 2.92
N GLU D 373 -6.76 14.41 3.64
CA GLU D 373 -7.78 13.44 4.12
C GLU D 373 -9.00 14.16 4.64
N ASN D 374 -8.75 15.19 5.44
CA ASN D 374 -9.78 16.07 5.94
C ASN D 374 -10.41 16.94 4.86
N SER D 375 -9.59 17.58 4.00
CA SER D 375 -10.14 18.30 2.85
C SER D 375 -11.10 17.42 2.12
N ASN D 376 -10.66 16.19 1.79
CA ASN D 376 -11.49 15.25 1.03
C ASN D 376 -12.82 15.01 1.75
N ALA D 377 -12.74 14.62 3.01
CA ALA D 377 -13.90 14.39 3.85
C ALA D 377 -14.85 15.59 3.85
N SER D 378 -14.31 16.76 4.16
CA SER D 378 -15.12 17.94 4.33
C SER D 378 -15.85 18.30 3.03
N PHE D 379 -15.18 18.15 1.91
CA PHE D 379 -15.74 18.57 0.65
C PHE D 379 -16.70 17.54 0.05
N SER D 380 -16.59 16.31 0.50
CA SER D 380 -17.46 15.23 -0.01
C SER D 380 -18.92 15.56 0.11
N SER D 381 -19.32 16.36 1.09
CA SER D 381 -20.71 16.91 1.15
C SER D 381 -21.21 17.70 -0.06
N GLN D 382 -20.35 17.96 -1.03
CA GLN D 382 -20.81 18.57 -2.25
C GLN D 382 -21.11 17.60 -3.34
N THR D 383 -20.76 16.35 -3.08
CA THR D 383 -20.79 15.37 -4.11
C THR D 383 -22.24 15.11 -4.60
N PRO D 384 -23.28 15.32 -3.75
CA PRO D 384 -24.61 15.15 -4.33
C PRO D 384 -25.07 16.38 -5.13
N GLN D 385 -24.79 17.59 -4.62
CA GLN D 385 -25.08 18.86 -5.35
CA GLN D 385 -25.16 18.79 -5.39
C GLN D 385 -24.50 18.78 -6.75
N ILE D 386 -23.26 18.31 -6.84
CA ILE D 386 -22.60 18.21 -8.12
C ILE D 386 -23.31 17.24 -9.06
N ASN D 387 -23.56 16.02 -8.58
CA ASN D 387 -24.23 15.02 -9.40
C ASN D 387 -25.62 15.48 -9.87
N GLN D 388 -26.33 16.29 -9.07
CA GLN D 388 -27.62 16.91 -9.49
C GLN D 388 -27.51 17.84 -10.68
N ALA D 389 -26.49 18.69 -10.59
CA ALA D 389 -26.10 19.55 -11.68
C ALA D 389 -26.09 18.72 -12.94
N GLN D 390 -25.34 17.62 -12.95
CA GLN D 390 -25.31 16.73 -14.12
C GLN D 390 -26.68 16.18 -14.49
N ASN D 391 -27.41 15.65 -13.52
CA ASN D 391 -28.62 14.93 -13.88
C ASN D 391 -29.68 15.90 -14.37
N LEU D 392 -29.66 17.15 -13.90
CA LEU D 392 -30.57 18.17 -14.47
C LEU D 392 -30.15 18.45 -15.91
N ALA D 393 -28.87 18.82 -16.05
CA ALA D 393 -28.28 19.09 -17.34
C ALA D 393 -28.72 18.05 -18.35
N ASN D 394 -28.40 16.80 -18.09
CA ASN D 394 -28.75 15.72 -19.03
C ASN D 394 -30.25 15.60 -19.39
N THR D 395 -31.14 16.03 -18.51
CA THR D 395 -32.55 15.83 -18.78
C THR D 395 -33.07 16.88 -19.78
N ILE D 396 -32.42 18.05 -19.82
CA ILE D 396 -32.60 19.02 -20.92
C ILE D 396 -32.28 18.35 -22.29
N VAL D 397 -31.14 17.66 -22.34
CA VAL D 397 -30.70 16.92 -23.54
C VAL D 397 -31.57 15.69 -23.76
S SO4 E . 52.66 -1.29 -21.72
O1 SO4 E . 52.58 -1.56 -20.26
O2 SO4 E . 53.48 -2.36 -22.34
O3 SO4 E . 51.37 -1.21 -22.46
O4 SO4 E . 53.29 0.04 -21.89
S SO4 F . 41.03 -17.38 -5.82
O1 SO4 F . 41.57 -16.38 -4.86
O2 SO4 F . 41.95 -18.56 -5.84
O3 SO4 F . 39.67 -17.73 -5.38
O4 SO4 F . 40.95 -16.90 -7.21
S SO4 G . 10.32 -40.34 24.49
O1 SO4 G . 11.43 -39.59 23.88
O2 SO4 G . 10.90 -41.63 24.92
O3 SO4 G . 9.25 -40.60 23.49
O4 SO4 G . 9.80 -39.63 25.69
S SO4 H . 20.72 -23.93 7.61
O1 SO4 H . 21.28 -23.30 8.84
O2 SO4 H . 21.35 -25.26 7.42
O3 SO4 H . 19.27 -24.12 7.75
O4 SO4 H . 20.98 -23.06 6.44
S SO4 I . 28.76 -35.35 21.86
O1 SO4 I . 29.64 -34.23 22.28
O2 SO4 I . 29.57 -36.56 21.71
O3 SO4 I . 27.74 -35.58 22.91
O4 SO4 I . 28.11 -35.02 20.57
S SO4 J . -3.35 -29.56 7.88
O1 SO4 J . -1.90 -29.83 7.95
O2 SO4 J . -3.98 -30.20 9.05
O3 SO4 J . -3.90 -30.08 6.61
O4 SO4 J . -3.60 -28.09 7.95
S SO4 K . 36.31 7.65 -6.46
O1 SO4 K . 36.48 8.25 -5.10
O2 SO4 K . 37.08 6.40 -6.45
O3 SO4 K . 34.88 7.40 -6.77
O4 SO4 K . 36.82 8.52 -7.54
S SO4 L . 13.44 24.99 -16.09
O1 SO4 L . 14.36 24.34 -15.13
O2 SO4 L . 14.22 25.88 -16.97
O3 SO4 L . 12.44 25.80 -15.33
O4 SO4 L . 12.76 23.99 -16.93
#